data_4UP5
# 
_entry.id   4UP5 
# 
_audit_conform.dict_name       mmcif_pdbx.dic 
_audit_conform.dict_version    5.383 
_audit_conform.dict_location   http://mmcif.pdb.org/dictionaries/ascii/mmcif_pdbx.dic 
# 
loop_
_database_2.database_id 
_database_2.database_code 
_database_2.pdbx_database_accession 
_database_2.pdbx_DOI 
PDB   4UP5         pdb_00004up5 10.2210/pdb4up5/pdb 
PDBE  EBI-60881    ?            ?                   
WWPDB D_1290060881 ?            ?                   
# 
loop_
_pdbx_audit_revision_history.ordinal 
_pdbx_audit_revision_history.data_content_type 
_pdbx_audit_revision_history.major_revision 
_pdbx_audit_revision_history.minor_revision 
_pdbx_audit_revision_history.revision_date 
1 'Structure model' 1 0 2014-11-05 
2 'Structure model' 1 1 2015-01-14 
3 'Structure model' 1 2 2024-01-10 
# 
_pdbx_audit_revision_details.ordinal             1 
_pdbx_audit_revision_details.revision_ordinal    1 
_pdbx_audit_revision_details.data_content_type   'Structure model' 
_pdbx_audit_revision_details.provider            repository 
_pdbx_audit_revision_details.type                'Initial release' 
_pdbx_audit_revision_details.description         ? 
_pdbx_audit_revision_details.details             ? 
# 
loop_
_pdbx_audit_revision_group.ordinal 
_pdbx_audit_revision_group.revision_ordinal 
_pdbx_audit_revision_group.data_content_type 
_pdbx_audit_revision_group.group 
1 2 'Structure model' 'Database references'    
2 3 'Structure model' 'Data collection'        
3 3 'Structure model' 'Database references'    
4 3 'Structure model' 'Derived calculations'   
5 3 'Structure model' Other                    
6 3 'Structure model' 'Refinement description' 
# 
loop_
_pdbx_audit_revision_category.ordinal 
_pdbx_audit_revision_category.revision_ordinal 
_pdbx_audit_revision_category.data_content_type 
_pdbx_audit_revision_category.category 
1 3 'Structure model' chem_comp_atom                
2 3 'Structure model' chem_comp_bond                
3 3 'Structure model' database_2                    
4 3 'Structure model' pdbx_database_status          
5 3 'Structure model' pdbx_initial_refinement_model 
6 3 'Structure model' pdbx_struct_conn_angle        
7 3 'Structure model' struct_conn                   
8 3 'Structure model' struct_site                   
# 
loop_
_pdbx_audit_revision_item.ordinal 
_pdbx_audit_revision_item.revision_ordinal 
_pdbx_audit_revision_item.data_content_type 
_pdbx_audit_revision_item.item 
1  3 'Structure model' '_database_2.pdbx_DOI'                        
2  3 'Structure model' '_database_2.pdbx_database_accession'         
3  3 'Structure model' '_pdbx_database_status.status_code_sf'        
4  3 'Structure model' '_pdbx_struct_conn_angle.ptnr1_auth_comp_id'  
5  3 'Structure model' '_pdbx_struct_conn_angle.ptnr1_auth_seq_id'   
6  3 'Structure model' '_pdbx_struct_conn_angle.ptnr1_label_atom_id' 
7  3 'Structure model' '_pdbx_struct_conn_angle.ptnr1_label_comp_id' 
8  3 'Structure model' '_pdbx_struct_conn_angle.ptnr1_label_seq_id'  
9  3 'Structure model' '_pdbx_struct_conn_angle.ptnr3_auth_comp_id'  
10 3 'Structure model' '_pdbx_struct_conn_angle.ptnr3_auth_seq_id'   
11 3 'Structure model' '_pdbx_struct_conn_angle.ptnr3_label_atom_id' 
12 3 'Structure model' '_pdbx_struct_conn_angle.ptnr3_label_comp_id' 
13 3 'Structure model' '_pdbx_struct_conn_angle.ptnr3_label_seq_id'  
14 3 'Structure model' '_pdbx_struct_conn_angle.value'               
15 3 'Structure model' '_struct_conn.pdbx_dist_value'                
16 3 'Structure model' '_struct_conn.ptnr1_auth_comp_id'             
17 3 'Structure model' '_struct_conn.ptnr1_auth_seq_id'              
18 3 'Structure model' '_struct_conn.ptnr1_label_asym_id'            
19 3 'Structure model' '_struct_conn.ptnr1_label_atom_id'            
20 3 'Structure model' '_struct_conn.ptnr1_label_comp_id'            
21 3 'Structure model' '_struct_conn.ptnr1_label_seq_id'             
22 3 'Structure model' '_struct_conn.ptnr2_auth_comp_id'             
23 3 'Structure model' '_struct_conn.ptnr2_auth_seq_id'              
24 3 'Structure model' '_struct_conn.ptnr2_label_asym_id'            
25 3 'Structure model' '_struct_conn.ptnr2_label_atom_id'            
26 3 'Structure model' '_struct_conn.ptnr2_label_comp_id'            
27 3 'Structure model' '_struct_conn.ptnr2_label_seq_id'             
28 3 'Structure model' '_struct_site.pdbx_auth_asym_id'              
29 3 'Structure model' '_struct_site.pdbx_auth_comp_id'              
30 3 'Structure model' '_struct_site.pdbx_auth_seq_id'               
# 
_pdbx_database_status.status_code                     REL 
_pdbx_database_status.entry_id                        4UP5 
_pdbx_database_status.deposit_site                    PDBE 
_pdbx_database_status.process_site                    PDBE 
_pdbx_database_status.SG_entry                        . 
_pdbx_database_status.recvd_initial_deposition_date   2014-06-12 
_pdbx_database_status.pdb_format_compatible           Y 
_pdbx_database_status.status_code_sf                  REL 
_pdbx_database_status.status_code_mr                  ? 
_pdbx_database_status.status_code_cs                  ? 
_pdbx_database_status.methods_development_category    ? 
_pdbx_database_status.status_code_nmr_data            ? 
# 
_pdbx_database_related.db_name        PDB 
_pdbx_database_related.db_id          4UP0 
_pdbx_database_related.content_type   unspecified 
_pdbx_database_related.details        
'TERNARY CRYSTAL STRUCTURE OF THE PYGO2 PHD FINGER IN COMPLEX WITH THE B9L HD1 DOMAIN AND A H3K4ME2 PEPTIDE' 
# 
loop_
_audit_author.name 
_audit_author.pdbx_ordinal 
'Miller, T.C.R.'   1 
'Fiedler, M.'      2 
'Rutherford, T.J.' 3 
'Birchall, K.'     4 
'Chugh, J.'        5 
'Bienz, M.'        6 
# 
_citation.id                        primary 
_citation.title                     'Competitive Binding of a Benzimidazole to the Histone-Binding Pocket of the Pygo Phd Finger.' 
_citation.journal_abbrev            'Acs Chem.Biol.' 
_citation.journal_volume            9 
_citation.page_first                2864 
_citation.page_last                 ? 
_citation.year                      2014 
_citation.journal_id_ASTM           ? 
_citation.country                   US 
_citation.journal_id_ISSN           1554-8929 
_citation.journal_id_CSD            ? 
_citation.book_publisher            ? 
_citation.pdbx_database_id_PubMed   25323450 
_citation.pdbx_database_id_DOI      10.1021/CB500585S 
# 
loop_
_citation_author.citation_id 
_citation_author.name 
_citation_author.ordinal 
_citation_author.identifier_ORCID 
primary 'Miller, T.C.R.'   1 ? 
primary 'Rutherford, T.J.' 2 ? 
primary 'Birchall, K.'     3 ? 
primary 'Chugh, J.'        4 ? 
primary 'Fiedler, M.'      5 ? 
primary 'Bienz, M.'        6 ? 
# 
loop_
_entity.id 
_entity.type 
_entity.src_method 
_entity.pdbx_description 
_entity.formula_weight 
_entity.pdbx_number_of_molecules 
_entity.pdbx_ec 
_entity.pdbx_mutation 
_entity.pdbx_fragment 
_entity.details 
1 polymer     man 'PYGOPUS HOMOLOG 2, B-CELL CLL/LYMPHOMA 9-LIKE PROTEIN' 10537.676 1  ? ? 
'PHD FINGER, HD1,RESIDUES 327-387,240-268' ? 
2 non-polymer syn 'ZINC ION'                                              65.409    2  ? ? ? ? 
3 non-polymer syn 6-methoxy-1,3-benzothiazol-2-amine                      180.227   1  ? ? ? ? 
4 water       nat water                                                   18.015    36 ? ? ? ? 
# 
_entity_name_com.entity_id   1 
_entity_name_com.name        'PYGO2, B9L, B-CELL LYMPHOMA 9-LIKE PROTEIN, BCL9-LIKE PROTEIN, PROTEIN BCL9-2' 
# 
_entity_poly.entity_id                      1 
_entity_poly.type                           'polypeptide(L)' 
_entity_poly.nstd_linkage                   no 
_entity_poly.nstd_monomer                   no 
_entity_poly.pdbx_seq_one_letter_code       
;GVYPCGACRSEVNDDQDAILCEASCQKWFHRECTGMTESAYGLLTTEASAVWACDLCLKTKEGSGSGSGSVYVFTTHLAN
TAAEAVLQGRADSILAYHQ
;
_entity_poly.pdbx_seq_one_letter_code_can   
;GVYPCGACRSEVNDDQDAILCEASCQKWFHRECTGMTESAYGLLTTEASAVWACDLCLKTKEGSGSGSGSVYVFTTHLAN
TAAEAVLQGRADSILAYHQ
;
_entity_poly.pdbx_strand_id                 A 
_entity_poly.pdbx_target_identifier         ? 
# 
loop_
_pdbx_entity_nonpoly.entity_id 
_pdbx_entity_nonpoly.name 
_pdbx_entity_nonpoly.comp_id 
2 'ZINC ION'                         ZN  
3 6-methoxy-1,3-benzothiazol-2-amine 94W 
4 water                              HOH 
# 
loop_
_entity_poly_seq.entity_id 
_entity_poly_seq.num 
_entity_poly_seq.mon_id 
_entity_poly_seq.hetero 
1 1  GLY n 
1 2  VAL n 
1 3  TYR n 
1 4  PRO n 
1 5  CYS n 
1 6  GLY n 
1 7  ALA n 
1 8  CYS n 
1 9  ARG n 
1 10 SER n 
1 11 GLU n 
1 12 VAL n 
1 13 ASN n 
1 14 ASP n 
1 15 ASP n 
1 16 GLN n 
1 17 ASP n 
1 18 ALA n 
1 19 ILE n 
1 20 LEU n 
1 21 CYS n 
1 22 GLU n 
1 23 ALA n 
1 24 SER n 
1 25 CYS n 
1 26 GLN n 
1 27 LYS n 
1 28 TRP n 
1 29 PHE n 
1 30 HIS n 
1 31 ARG n 
1 32 GLU n 
1 33 CYS n 
1 34 THR n 
1 35 GLY n 
1 36 MET n 
1 37 THR n 
1 38 GLU n 
1 39 SER n 
1 40 ALA n 
1 41 TYR n 
1 42 GLY n 
1 43 LEU n 
1 44 LEU n 
1 45 THR n 
1 46 THR n 
1 47 GLU n 
1 48 ALA n 
1 49 SER n 
1 50 ALA n 
1 51 VAL n 
1 52 TRP n 
1 53 ALA n 
1 54 CYS n 
1 55 ASP n 
1 56 LEU n 
1 57 CYS n 
1 58 LEU n 
1 59 LYS n 
1 60 THR n 
1 61 LYS n 
1 62 GLU n 
1 63 GLY n 
1 64 SER n 
1 65 GLY n 
1 66 SER n 
1 67 GLY n 
1 68 SER n 
1 69 GLY n 
1 70 SER n 
1 71 VAL n 
1 72 TYR n 
1 73 VAL n 
1 74 PHE n 
1 75 THR n 
1 76 THR n 
1 77 HIS n 
1 78 LEU n 
1 79 ALA n 
1 80 ASN n 
1 81 THR n 
1 82 ALA n 
1 83 ALA n 
1 84 GLU n 
1 85 ALA n 
1 86 VAL n 
1 87 LEU n 
1 88 GLN n 
1 89 GLY n 
1 90 ARG n 
1 91 ALA n 
1 92 ASP n 
1 93 SER n 
1 94 ILE n 
1 95 LEU n 
1 96 ALA n 
1 97 TYR n 
1 98 HIS n 
1 99 GLN n 
# 
_entity_src_gen.entity_id                          1 
_entity_src_gen.pdbx_src_id                        1 
_entity_src_gen.pdbx_alt_source_flag               sample 
_entity_src_gen.pdbx_seq_type                      ? 
_entity_src_gen.pdbx_beg_seq_num                   ? 
_entity_src_gen.pdbx_end_seq_num                   ? 
_entity_src_gen.gene_src_common_name               HUMAN 
_entity_src_gen.gene_src_genus                     ? 
_entity_src_gen.pdbx_gene_src_gene                 ? 
_entity_src_gen.gene_src_species                   ? 
_entity_src_gen.gene_src_strain                    ? 
_entity_src_gen.gene_src_tissue                    ? 
_entity_src_gen.gene_src_tissue_fraction           ? 
_entity_src_gen.gene_src_details                   ? 
_entity_src_gen.pdbx_gene_src_fragment             ? 
_entity_src_gen.pdbx_gene_src_scientific_name      'HOMO SAPIENS' 
_entity_src_gen.pdbx_gene_src_ncbi_taxonomy_id     9606 
_entity_src_gen.pdbx_gene_src_variant              ? 
_entity_src_gen.pdbx_gene_src_cell_line            ? 
_entity_src_gen.pdbx_gene_src_atcc                 ? 
_entity_src_gen.pdbx_gene_src_organ                ? 
_entity_src_gen.pdbx_gene_src_organelle            ? 
_entity_src_gen.pdbx_gene_src_cell                 ? 
_entity_src_gen.pdbx_gene_src_cellular_location    ? 
_entity_src_gen.host_org_common_name               ? 
_entity_src_gen.pdbx_host_org_scientific_name      'ESCHERICHIA COLI' 
_entity_src_gen.pdbx_host_org_ncbi_taxonomy_id     469008 
_entity_src_gen.host_org_genus                     ? 
_entity_src_gen.pdbx_host_org_gene                 ? 
_entity_src_gen.pdbx_host_org_organ                ? 
_entity_src_gen.host_org_species                   ? 
_entity_src_gen.pdbx_host_org_tissue               ? 
_entity_src_gen.pdbx_host_org_tissue_fraction      ? 
_entity_src_gen.pdbx_host_org_strain               'BL21(DE3)' 
_entity_src_gen.pdbx_host_org_variant              'CODONPLUS RIL' 
_entity_src_gen.pdbx_host_org_cell_line            ? 
_entity_src_gen.pdbx_host_org_atcc                 ? 
_entity_src_gen.pdbx_host_org_culture_collection   ? 
_entity_src_gen.pdbx_host_org_cell                 ? 
_entity_src_gen.pdbx_host_org_organelle            ? 
_entity_src_gen.pdbx_host_org_cellular_location    ? 
_entity_src_gen.pdbx_host_org_vector_type          PLASMID 
_entity_src_gen.pdbx_host_org_vector               ? 
_entity_src_gen.host_org_details                   ? 
_entity_src_gen.expression_system_id               ? 
_entity_src_gen.plasmid_name                       PETM11 
_entity_src_gen.plasmid_details                    ? 
_entity_src_gen.pdbx_description                   ? 
# 
loop_
_chem_comp.id 
_chem_comp.type 
_chem_comp.mon_nstd_flag 
_chem_comp.name 
_chem_comp.pdbx_synonyms 
_chem_comp.formula 
_chem_comp.formula_weight 
94W non-polymer         . 6-methoxy-1,3-benzothiazol-2-amine ? 'C8 H8 N2 O S'   180.227 
ALA 'L-peptide linking' y ALANINE                            ? 'C3 H7 N O2'     89.093  
ARG 'L-peptide linking' y ARGININE                           ? 'C6 H15 N4 O2 1' 175.209 
ASN 'L-peptide linking' y ASPARAGINE                         ? 'C4 H8 N2 O3'    132.118 
ASP 'L-peptide linking' y 'ASPARTIC ACID'                    ? 'C4 H7 N O4'     133.103 
CYS 'L-peptide linking' y CYSTEINE                           ? 'C3 H7 N O2 S'   121.158 
GLN 'L-peptide linking' y GLUTAMINE                          ? 'C5 H10 N2 O3'   146.144 
GLU 'L-peptide linking' y 'GLUTAMIC ACID'                    ? 'C5 H9 N O4'     147.129 
GLY 'peptide linking'   y GLYCINE                            ? 'C2 H5 N O2'     75.067  
HIS 'L-peptide linking' y HISTIDINE                          ? 'C6 H10 N3 O2 1' 156.162 
HOH non-polymer         . WATER                              ? 'H2 O'           18.015  
ILE 'L-peptide linking' y ISOLEUCINE                         ? 'C6 H13 N O2'    131.173 
LEU 'L-peptide linking' y LEUCINE                            ? 'C6 H13 N O2'    131.173 
LYS 'L-peptide linking' y LYSINE                             ? 'C6 H15 N2 O2 1' 147.195 
MET 'L-peptide linking' y METHIONINE                         ? 'C5 H11 N O2 S'  149.211 
PHE 'L-peptide linking' y PHENYLALANINE                      ? 'C9 H11 N O2'    165.189 
PRO 'L-peptide linking' y PROLINE                            ? 'C5 H9 N O2'     115.130 
SER 'L-peptide linking' y SERINE                             ? 'C3 H7 N O3'     105.093 
THR 'L-peptide linking' y THREONINE                          ? 'C4 H9 N O3'     119.119 
TRP 'L-peptide linking' y TRYPTOPHAN                         ? 'C11 H12 N2 O2'  204.225 
TYR 'L-peptide linking' y TYROSINE                           ? 'C9 H11 N O3'    181.189 
VAL 'L-peptide linking' y VALINE                             ? 'C5 H11 N O2'    117.146 
ZN  non-polymer         . 'ZINC ION'                         ? 'Zn 2'           65.409  
# 
loop_
_pdbx_poly_seq_scheme.asym_id 
_pdbx_poly_seq_scheme.entity_id 
_pdbx_poly_seq_scheme.seq_id 
_pdbx_poly_seq_scheme.mon_id 
_pdbx_poly_seq_scheme.ndb_seq_num 
_pdbx_poly_seq_scheme.pdb_seq_num 
_pdbx_poly_seq_scheme.auth_seq_num 
_pdbx_poly_seq_scheme.pdb_mon_id 
_pdbx_poly_seq_scheme.auth_mon_id 
_pdbx_poly_seq_scheme.pdb_strand_id 
_pdbx_poly_seq_scheme.pdb_ins_code 
_pdbx_poly_seq_scheme.hetero 
A 1 1  GLY 1  326  326  GLY GLY A . n 
A 1 2  VAL 2  327  327  VAL VAL A . n 
A 1 3  TYR 3  328  328  TYR TYR A . n 
A 1 4  PRO 4  329  329  PRO PRO A . n 
A 1 5  CYS 5  330  330  CYS CYS A . n 
A 1 6  GLY 6  331  331  GLY GLY A . n 
A 1 7  ALA 7  332  332  ALA ALA A . n 
A 1 8  CYS 8  333  333  CYS CYS A . n 
A 1 9  ARG 9  334  334  ARG ARG A . n 
A 1 10 SER 10 335  335  SER SER A . n 
A 1 11 GLU 11 336  336  GLU GLU A . n 
A 1 12 VAL 12 337  337  VAL VAL A . n 
A 1 13 ASN 13 338  338  ASN ASN A . n 
A 1 14 ASP 14 339  339  ASP ASP A . n 
A 1 15 ASP 15 340  340  ASP ASP A . n 
A 1 16 GLN 16 341  341  GLN GLN A . n 
A 1 17 ASP 17 342  342  ASP ASP A . n 
A 1 18 ALA 18 343  343  ALA ALA A . n 
A 1 19 ILE 19 344  344  ILE ILE A . n 
A 1 20 LEU 20 345  345  LEU LEU A . n 
A 1 21 CYS 21 346  346  CYS CYS A . n 
A 1 22 GLU 22 347  347  GLU GLU A . n 
A 1 23 ALA 23 348  348  ALA ALA A . n 
A 1 24 SER 24 349  349  SER SER A . n 
A 1 25 CYS 25 350  350  CYS CYS A . n 
A 1 26 GLN 26 351  351  GLN GLN A . n 
A 1 27 LYS 27 352  352  LYS LYS A . n 
A 1 28 TRP 28 353  353  TRP TRP A . n 
A 1 29 PHE 29 354  354  PHE PHE A . n 
A 1 30 HIS 30 355  355  HIS HIS A . n 
A 1 31 ARG 31 356  356  ARG ARG A . n 
A 1 32 GLU 32 357  357  GLU GLU A . n 
A 1 33 CYS 33 358  358  CYS CYS A . n 
A 1 34 THR 34 359  359  THR THR A . n 
A 1 35 GLY 35 360  360  GLY GLY A . n 
A 1 36 MET 36 361  361  MET MET A . n 
A 1 37 THR 37 362  362  THR THR A . n 
A 1 38 GLU 38 363  363  GLU GLU A . n 
A 1 39 SER 39 364  364  SER SER A . n 
A 1 40 ALA 40 365  365  ALA ALA A . n 
A 1 41 TYR 41 366  366  TYR TYR A . n 
A 1 42 GLY 42 367  367  GLY GLY A . n 
A 1 43 LEU 43 368  368  LEU LEU A . n 
A 1 44 LEU 44 369  369  LEU LEU A . n 
A 1 45 THR 45 370  370  THR THR A . n 
A 1 46 THR 46 371  371  THR THR A . n 
A 1 47 GLU 47 372  372  GLU GLU A . n 
A 1 48 ALA 48 373  373  ALA ALA A . n 
A 1 49 SER 49 374  374  SER SER A . n 
A 1 50 ALA 50 375  375  ALA ALA A . n 
A 1 51 VAL 51 376  376  VAL VAL A . n 
A 1 52 TRP 52 377  377  TRP TRP A . n 
A 1 53 ALA 53 378  378  ALA ALA A . n 
A 1 54 CYS 54 379  379  CYS CYS A . n 
A 1 55 ASP 55 380  380  ASP ASP A . n 
A 1 56 LEU 56 381  381  LEU LEU A . n 
A 1 57 CYS 57 382  382  CYS CYS A . n 
A 1 58 LEU 58 383  ?    ?   ?   A . n 
A 1 59 LYS 59 384  ?    ?   ?   A . n 
A 1 60 THR 60 385  ?    ?   ?   A . n 
A 1 61 LYS 61 386  ?    ?   ?   A . n 
A 1 62 GLU 62 387  ?    ?   ?   A . n 
A 1 63 GLY 63 388  ?    ?   ?   A . n 
A 1 64 SER 64 389  ?    ?   ?   A . n 
A 1 65 GLY 65 390  ?    ?   ?   A . n 
A 1 66 SER 66 391  ?    ?   ?   A . n 
A 1 67 GLY 67 392  ?    ?   ?   A . n 
A 1 68 SER 68 393  ?    ?   ?   A . n 
A 1 69 GLY 69 394  ?    ?   ?   A . n 
A 1 70 SER 70 395  ?    ?   ?   A . n 
A 1 71 VAL 71 1235 1235 VAL VAL A . n 
A 1 72 TYR 72 1236 1236 TYR TYR A . n 
A 1 73 VAL 73 1237 1237 VAL VAL A . n 
A 1 74 PHE 74 1238 1238 PHE PHE A . n 
A 1 75 THR 75 1239 1239 THR THR A . n 
A 1 76 THR 76 1240 1240 THR THR A . n 
A 1 77 HIS 77 1241 1241 HIS HIS A . n 
A 1 78 LEU 78 1242 1242 LEU LEU A . n 
A 1 79 ALA 79 1243 1243 ALA ALA A . n 
A 1 80 ASN 80 1244 1244 ASN ASN A . n 
A 1 81 THR 81 1245 1245 THR THR A . n 
A 1 82 ALA 82 1246 1246 ALA ALA A . n 
A 1 83 ALA 83 1247 1247 ALA ALA A . n 
A 1 84 GLU 84 1248 1248 GLU GLU A . n 
A 1 85 ALA 85 1249 1249 ALA ALA A . n 
A 1 86 VAL 86 1250 1250 VAL VAL A . n 
A 1 87 LEU 87 1251 1251 LEU LEU A . n 
A 1 88 GLN 88 1252 1252 GLN GLN A . n 
A 1 89 GLY 89 1253 1253 GLY GLY A . n 
A 1 90 ARG 90 1254 1254 ARG ARG A . n 
A 1 91 ALA 91 1255 1255 ALA ALA A . n 
A 1 92 ASP 92 1256 1256 ASP ASP A . n 
A 1 93 SER 93 1257 1257 SER SER A . n 
A 1 94 ILE 94 1258 1258 ILE ILE A . n 
A 1 95 LEU 95 1259 1259 LEU LEU A . n 
A 1 96 ALA 96 1260 1260 ALA ALA A . n 
A 1 97 TYR 97 1261 1261 TYR TYR A . n 
A 1 98 HIS 98 1262 1262 HIS HIS A . n 
A 1 99 GLN 99 1263 ?    ?   ?   A . n 
# 
loop_
_pdbx_nonpoly_scheme.asym_id 
_pdbx_nonpoly_scheme.entity_id 
_pdbx_nonpoly_scheme.mon_id 
_pdbx_nonpoly_scheme.ndb_seq_num 
_pdbx_nonpoly_scheme.pdb_seq_num 
_pdbx_nonpoly_scheme.auth_seq_num 
_pdbx_nonpoly_scheme.pdb_mon_id 
_pdbx_nonpoly_scheme.auth_mon_id 
_pdbx_nonpoly_scheme.pdb_strand_id 
_pdbx_nonpoly_scheme.pdb_ins_code 
B 2 ZN  1  1383 1383 ZN  ZN  A . 
C 2 ZN  1  1384 1384 ZN  ZN  A . 
D 3 94W 1  1385 1385 94W 94W A . 
E 4 HOH 1  2001 2001 HOH HOH A . 
E 4 HOH 2  2002 2002 HOH HOH A . 
E 4 HOH 3  2003 2003 HOH HOH A . 
E 4 HOH 4  2004 2004 HOH HOH A . 
E 4 HOH 5  2005 2005 HOH HOH A . 
E 4 HOH 6  2006 2006 HOH HOH A . 
E 4 HOH 7  2007 2007 HOH HOH A . 
E 4 HOH 8  2008 2008 HOH HOH A . 
E 4 HOH 9  2009 2009 HOH HOH A . 
E 4 HOH 10 2010 2010 HOH HOH A . 
E 4 HOH 11 2011 2011 HOH HOH A . 
E 4 HOH 12 2012 2012 HOH HOH A . 
E 4 HOH 13 2013 2013 HOH HOH A . 
E 4 HOH 14 2014 2014 HOH HOH A . 
E 4 HOH 15 2015 2015 HOH HOH A . 
E 4 HOH 16 2016 2016 HOH HOH A . 
E 4 HOH 17 2017 2017 HOH HOH A . 
E 4 HOH 18 2018 2018 HOH HOH A . 
E 4 HOH 19 2019 2019 HOH HOH A . 
E 4 HOH 20 2020 2020 HOH HOH A . 
E 4 HOH 21 2021 2021 HOH HOH A . 
E 4 HOH 22 2022 2022 HOH HOH A . 
E 4 HOH 23 2023 2023 HOH HOH A . 
E 4 HOH 24 2024 2024 HOH HOH A . 
E 4 HOH 25 2025 2025 HOH HOH A . 
E 4 HOH 26 2026 2026 HOH HOH A . 
E 4 HOH 27 2027 2027 HOH HOH A . 
E 4 HOH 28 2028 2028 HOH HOH A . 
E 4 HOH 29 2029 2029 HOH HOH A . 
E 4 HOH 30 2030 2030 HOH HOH A . 
E 4 HOH 31 2031 2031 HOH HOH A . 
E 4 HOH 32 2032 2032 HOH HOH A . 
E 4 HOH 33 2033 2033 HOH HOH A . 
E 4 HOH 34 2034 2034 HOH HOH A . 
E 4 HOH 35 2035 2035 HOH HOH A . 
E 4 HOH 36 2036 2036 HOH HOH A . 
# 
loop_
_software.name 
_software.classification 
_software.version 
_software.citation_id 
_software.pdbx_ordinal 
REFMAC  refinement       5.7.0002 ? 1 
MOSFLM  'data reduction' .        ? 2 
Aimless 'data scaling'   .        ? 3 
PHASER  phasing          .        ? 4 
# 
_cell.entry_id           4UP5 
_cell.length_a           54.270 
_cell.length_b           54.270 
_cell.length_c           57.655 
_cell.angle_alpha        90.00 
_cell.angle_beta         90.00 
_cell.angle_gamma        90.00 
_cell.Z_PDB              8 
_cell.pdbx_unique_axis   ? 
# 
_symmetry.entry_id                         4UP5 
_symmetry.space_group_name_H-M             'P 41 21 2' 
_symmetry.pdbx_full_space_group_name_H-M   ? 
_symmetry.cell_setting                     ? 
_symmetry.Int_Tables_number                92 
# 
_exptl.entry_id          4UP5 
_exptl.method            'X-RAY DIFFRACTION' 
_exptl.crystals_number   1 
# 
_exptl_crystal.id                    1 
_exptl_crystal.density_meas          ? 
_exptl_crystal.density_Matthews      2.31 
_exptl_crystal.density_percent_sol   46.81 
_exptl_crystal.description           NONE 
# 
_exptl_crystal_grow.crystal_id      1 
_exptl_crystal_grow.method          ? 
_exptl_crystal_grow.temp            ? 
_exptl_crystal_grow.temp_details    ? 
_exptl_crystal_grow.pH              ? 
_exptl_crystal_grow.pdbx_pH_range   ? 
_exptl_crystal_grow.pdbx_details    '60% TACSIMATE, PH 7.' 
# 
_diffrn.id                     1 
_diffrn.ambient_temp           100 
_diffrn.ambient_temp_details   ? 
_diffrn.crystal_id             1 
# 
_diffrn_detector.diffrn_id              1 
_diffrn_detector.detector               PIXEL 
_diffrn_detector.type                   'DECTRIS PILATUS 6M' 
_diffrn_detector.pdbx_collection_date   2011-10-12 
_diffrn_detector.details                MIRRORS 
# 
_diffrn_radiation.diffrn_id                        1 
_diffrn_radiation.wavelength_id                    1 
_diffrn_radiation.pdbx_monochromatic_or_laue_m_l   M 
_diffrn_radiation.monochromator                    ? 
_diffrn_radiation.pdbx_diffrn_protocol             'SINGLE WAVELENGTH' 
_diffrn_radiation.pdbx_scattering_type             x-ray 
# 
_diffrn_radiation_wavelength.id           1 
_diffrn_radiation_wavelength.wavelength   1.0332 
_diffrn_radiation_wavelength.wt           1.0 
# 
_diffrn_source.diffrn_id                   1 
_diffrn_source.source                      SYNCHROTRON 
_diffrn_source.type                        'DIAMOND BEAMLINE I04' 
_diffrn_source.pdbx_synchrotron_site       Diamond 
_diffrn_source.pdbx_synchrotron_beamline   I04 
_diffrn_source.pdbx_wavelength             1.0332 
_diffrn_source.pdbx_wavelength_list        ? 
# 
_reflns.pdbx_diffrn_id               1 
_reflns.pdbx_ordinal                 1 
_reflns.entry_id                     4UP5 
_reflns.observed_criterion_sigma_I   2.0 
_reflns.observed_criterion_sigma_F   ? 
_reflns.d_resolution_low             31.95 
_reflns.d_resolution_high            1.65 
_reflns.number_obs                   10894 
_reflns.number_all                   ? 
_reflns.percent_possible_obs         100.0 
_reflns.pdbx_Rmerge_I_obs            0.10 
_reflns.pdbx_Rsym_value              ? 
_reflns.pdbx_netI_over_sigmaI        16.70 
_reflns.B_iso_Wilson_estimate        ? 
_reflns.pdbx_redundancy              13 
# 
_reflns_shell.pdbx_diffrn_id         1 
_reflns_shell.pdbx_ordinal           1 
_reflns_shell.d_res_high             1.65 
_reflns_shell.d_res_low              1.68 
_reflns_shell.percent_possible_all   100.0 
_reflns_shell.Rmerge_I_obs           1.41 
_reflns_shell.pdbx_Rsym_value        ? 
_reflns_shell.meanI_over_sigI_obs    2.10 
_reflns_shell.pdbx_redundancy        13.7 
# 
_refine.pdbx_refine_id                           'X-RAY DIFFRACTION' 
_refine.entry_id                                 4UP5 
_refine.pdbx_diffrn_id                           1 
_refine.pdbx_TLS_residual_ADP_flag               ? 
_refine.ls_number_reflns_obs                     10327 
_refine.ls_number_reflns_all                     ? 
_refine.pdbx_ls_sigma_I                          ? 
_refine.pdbx_ls_sigma_F                          ? 
_refine.pdbx_data_cutoff_high_absF               ? 
_refine.pdbx_data_cutoff_low_absF                ? 
_refine.pdbx_data_cutoff_high_rms_absF           ? 
_refine.ls_d_res_low                             39.52 
_refine.ls_d_res_high                            1.65 
_refine.ls_percent_reflns_obs                    99.93 
_refine.ls_R_factor_obs                          0.18333 
_refine.ls_R_factor_all                          ? 
_refine.ls_R_factor_R_work                       0.18190 
_refine.ls_R_factor_R_free                       0.21117 
_refine.ls_R_factor_R_free_error                 ? 
_refine.ls_R_factor_R_free_error_details         ? 
_refine.ls_percent_reflns_R_free                 4.8 
_refine.ls_number_reflns_R_free                  523 
_refine.ls_number_parameters                     ? 
_refine.ls_number_restraints                     ? 
_refine.occupancy_min                            ? 
_refine.occupancy_max                            ? 
_refine.correlation_coeff_Fo_to_Fc               0.962 
_refine.correlation_coeff_Fo_to_Fc_free          0.953 
_refine.B_iso_mean                               28.805 
_refine.aniso_B[1][1]                            -0.22 
_refine.aniso_B[2][2]                            -0.22 
_refine.aniso_B[3][3]                            0.44 
_refine.aniso_B[1][2]                            0.00 
_refine.aniso_B[1][3]                            0.00 
_refine.aniso_B[2][3]                            0.00 
_refine.solvent_model_details                    MASK 
_refine.solvent_model_param_ksol                 ? 
_refine.solvent_model_param_bsol                 ? 
_refine.pdbx_solvent_vdw_probe_radii             1.20 
_refine.pdbx_solvent_ion_probe_radii             0.80 
_refine.pdbx_solvent_shrinkage_radii             0.80 
_refine.pdbx_ls_cross_valid_method               THROUGHOUT 
_refine.details                                  
;HYDROGENS HAVE BEEN ADDED IN THE RIDING POSITIONS. CHAIN A RESIDUES 383-387 AND 8AA GSGSGSGS LINKER ARE DISORDERED CHAIN B RESIDUE 263 IS DISORDERED
;
_refine.pdbx_starting_model                      'PDB ENTRY 2XB1' 
_refine.pdbx_method_to_determine_struct          'MOLECULAR REPLACEMENT' 
_refine.pdbx_isotropic_thermal_model             ? 
_refine.pdbx_stereochemistry_target_values       'MAXIMUM LIKELIHOOD' 
_refine.pdbx_stereochem_target_val_spec_case     ? 
_refine.pdbx_R_Free_selection_details            RANDOM 
_refine.pdbx_overall_ESU_R                       0.092 
_refine.pdbx_overall_ESU_R_Free                  0.092 
_refine.overall_SU_ML                            0.064 
_refine.pdbx_overall_phase_error                 ? 
_refine.overall_SU_B                             1.860 
_refine.overall_SU_R_Cruickshank_DPI             ? 
_refine.pdbx_overall_SU_R_free_Cruickshank_DPI   ? 
_refine.pdbx_overall_SU_R_Blow_DPI               ? 
_refine.pdbx_overall_SU_R_free_Blow_DPI          ? 
# 
_refine_hist.pdbx_refine_id                   'X-RAY DIFFRACTION' 
_refine_hist.cycle_id                         LAST 
_refine_hist.pdbx_number_atoms_protein        642 
_refine_hist.pdbx_number_atoms_nucleic_acid   0 
_refine_hist.pdbx_number_atoms_ligand         14 
_refine_hist.number_atoms_solvent             36 
_refine_hist.number_atoms_total               692 
_refine_hist.d_res_high                       1.65 
_refine_hist.d_res_low                        39.52 
# 
loop_
_refine_ls_restr.type 
_refine_ls_restr.dev_ideal 
_refine_ls_restr.dev_ideal_target 
_refine_ls_restr.weight 
_refine_ls_restr.number 
_refine_ls_restr.pdbx_refine_id 
_refine_ls_restr.pdbx_restraint_function 
r_bond_refined_d             0.022  0.019  ? 667  'X-RAY DIFFRACTION' ? 
r_bond_other_d               0.005  0.020  ? 588  'X-RAY DIFFRACTION' ? 
r_angle_refined_deg          2.097  1.940  ? 908  'X-RAY DIFFRACTION' ? 
r_angle_other_deg            1.039  3.000  ? 1331 'X-RAY DIFFRACTION' ? 
r_dihedral_angle_1_deg       5.966  5.000  ? 83   'X-RAY DIFFRACTION' ? 
r_dihedral_angle_2_deg       38.072 24.333 ? 30   'X-RAY DIFFRACTION' ? 
r_dihedral_angle_3_deg       11.536 15.000 ? 95   'X-RAY DIFFRACTION' ? 
r_dihedral_angle_4_deg       11.569 15.000 ? 3    'X-RAY DIFFRACTION' ? 
r_chiral_restr               0.131  0.200  ? 102  'X-RAY DIFFRACTION' ? 
r_gen_planes_refined         0.010  0.020  ? 766  'X-RAY DIFFRACTION' ? 
r_gen_planes_other           0.001  0.020  ? 151  'X-RAY DIFFRACTION' ? 
r_nbd_refined                ?      ?      ? ?    'X-RAY DIFFRACTION' ? 
r_nbd_other                  ?      ?      ? ?    'X-RAY DIFFRACTION' ? 
r_nbtor_refined              ?      ?      ? ?    'X-RAY DIFFRACTION' ? 
r_nbtor_other                ?      ?      ? ?    'X-RAY DIFFRACTION' ? 
r_xyhbond_nbd_refined        ?      ?      ? ?    'X-RAY DIFFRACTION' ? 
r_xyhbond_nbd_other          ?      ?      ? ?    'X-RAY DIFFRACTION' ? 
r_metal_ion_refined          ?      ?      ? ?    'X-RAY DIFFRACTION' ? 
r_metal_ion_other            ?      ?      ? ?    'X-RAY DIFFRACTION' ? 
r_symmetry_vdw_refined       ?      ?      ? ?    'X-RAY DIFFRACTION' ? 
r_symmetry_vdw_other         ?      ?      ? ?    'X-RAY DIFFRACTION' ? 
r_symmetry_hbond_refined     ?      ?      ? ?    'X-RAY DIFFRACTION' ? 
r_symmetry_hbond_other       ?      ?      ? ?    'X-RAY DIFFRACTION' ? 
r_symmetry_metal_ion_refined ?      ?      ? ?    'X-RAY DIFFRACTION' ? 
r_symmetry_metal_ion_other   ?      ?      ? ?    'X-RAY DIFFRACTION' ? 
r_mcbond_it                  ?      ?      ? ?    'X-RAY DIFFRACTION' ? 
r_mcbond_other               ?      ?      ? ?    'X-RAY DIFFRACTION' ? 
r_mcangle_it                 ?      ?      ? ?    'X-RAY DIFFRACTION' ? 
r_mcangle_other              ?      ?      ? ?    'X-RAY DIFFRACTION' ? 
r_scbond_it                  ?      ?      ? ?    'X-RAY DIFFRACTION' ? 
r_scbond_other               ?      ?      ? ?    'X-RAY DIFFRACTION' ? 
r_scangle_it                 ?      ?      ? ?    'X-RAY DIFFRACTION' ? 
r_scangle_other              ?      ?      ? ?    'X-RAY DIFFRACTION' ? 
r_long_range_B_refined       ?      ?      ? ?    'X-RAY DIFFRACTION' ? 
r_long_range_B_other         ?      ?      ? ?    'X-RAY DIFFRACTION' ? 
r_rigid_bond_restr           ?      ?      ? ?    'X-RAY DIFFRACTION' ? 
r_sphericity_free            ?      ?      ? ?    'X-RAY DIFFRACTION' ? 
r_sphericity_bonded          ?      ?      ? ?    'X-RAY DIFFRACTION' ? 
# 
_refine_ls_shell.pdbx_refine_id                   'X-RAY DIFFRACTION' 
_refine_ls_shell.pdbx_total_number_of_bins_used   20 
_refine_ls_shell.d_res_high                       1.650 
_refine_ls_shell.d_res_low                        1.693 
_refine_ls_shell.number_reflns_R_work             655 
_refine_ls_shell.R_factor_R_work                  0.268 
_refine_ls_shell.percent_reflns_obs               100.00 
_refine_ls_shell.R_factor_R_free                  0.321 
_refine_ls_shell.R_factor_R_free_error            ? 
_refine_ls_shell.percent_reflns_R_free            ? 
_refine_ls_shell.number_reflns_R_free             34 
_refine_ls_shell.number_reflns_all                ? 
_refine_ls_shell.R_factor_all                     ? 
# 
_struct.entry_id                  4UP5 
_struct.title                     
'Crystal structure of the Pygo2 PHD finger in complex with the B9L HD1 domain and a chemical fragment' 
_struct.pdbx_model_details        ? 
_struct.pdbx_CASP_flag            ? 
_struct.pdbx_model_type_details   ? 
# 
_struct_keywords.entry_id        4UP5 
_struct_keywords.pdbx_keywords   TRANSCRIPTION 
_struct_keywords.text            'TRANSCRIPTION, PYGO, WNT SIGNALLING, HISTONE H3, FRAGMENT SCREENING' 
# 
loop_
_struct_asym.id 
_struct_asym.pdbx_blank_PDB_chainid_flag 
_struct_asym.pdbx_modified 
_struct_asym.entity_id 
_struct_asym.details 
A N N 1 ? 
B N N 2 ? 
C N N 2 ? 
D N N 3 ? 
E N N 4 ? 
# 
loop_
_struct_ref.id 
_struct_ref.db_name 
_struct_ref.db_code 
_struct_ref.entity_id 
_struct_ref.pdbx_seq_one_letter_code 
_struct_ref.pdbx_align_begin 
_struct_ref.pdbx_db_accession 
_struct_ref.pdbx_db_isoform 
1 UNP PYGO2_HUMAN 1 ? ? Q9BRQ0 ? 
2 UNP BCL9L_HUMAN 1 ? ? Q86UU0 ? 
# 
loop_
_struct_ref_seq.align_id 
_struct_ref_seq.ref_id 
_struct_ref_seq.pdbx_PDB_id_code 
_struct_ref_seq.pdbx_strand_id 
_struct_ref_seq.seq_align_beg 
_struct_ref_seq.pdbx_seq_align_beg_ins_code 
_struct_ref_seq.seq_align_end 
_struct_ref_seq.pdbx_seq_align_end_ins_code 
_struct_ref_seq.pdbx_db_accession 
_struct_ref_seq.db_align_beg 
_struct_ref_seq.pdbx_db_align_beg_ins_code 
_struct_ref_seq.db_align_end 
_struct_ref_seq.pdbx_db_align_end_ins_code 
_struct_ref_seq.pdbx_auth_seq_align_beg 
_struct_ref_seq.pdbx_auth_seq_align_end 
1 1 4UP5 A 2  ? 62 ? Q9BRQ0 327 ? 387 ? 327  387  
2 2 4UP5 A 71 ? 99 ? Q86UU0 235 ? 263 ? 1235 1263 
# 
loop_
_struct_ref_seq_dif.align_id 
_struct_ref_seq_dif.pdbx_pdb_id_code 
_struct_ref_seq_dif.mon_id 
_struct_ref_seq_dif.pdbx_pdb_strand_id 
_struct_ref_seq_dif.seq_num 
_struct_ref_seq_dif.pdbx_pdb_ins_code 
_struct_ref_seq_dif.pdbx_seq_db_name 
_struct_ref_seq_dif.pdbx_seq_db_accession_code 
_struct_ref_seq_dif.db_mon_id 
_struct_ref_seq_dif.pdbx_seq_db_seq_num 
_struct_ref_seq_dif.details 
_struct_ref_seq_dif.pdbx_auth_seq_num 
_struct_ref_seq_dif.pdbx_ordinal 
1 4UP5 GLY A 63 ? UNP Q9BRQ0 ? ? linker 388 1 
1 4UP5 SER A 64 ? UNP Q9BRQ0 ? ? linker 389 2 
1 4UP5 GLY A 65 ? UNP Q9BRQ0 ? ? linker 390 3 
1 4UP5 SER A 66 ? UNP Q9BRQ0 ? ? linker 391 4 
1 4UP5 GLY A 67 ? UNP Q9BRQ0 ? ? linker 392 5 
1 4UP5 SER A 68 ? UNP Q9BRQ0 ? ? linker 393 6 
1 4UP5 GLY A 69 ? UNP Q9BRQ0 ? ? linker 394 7 
1 4UP5 SER A 70 ? UNP Q9BRQ0 ? ? linker 395 8 
# 
_pdbx_struct_assembly.id                   1 
_pdbx_struct_assembly.details              author_and_software_defined_assembly 
_pdbx_struct_assembly.method_details       PISA 
_pdbx_struct_assembly.oligomeric_details   monomeric 
_pdbx_struct_assembly.oligomeric_count     1 
# 
_pdbx_struct_assembly_gen.assembly_id       1 
_pdbx_struct_assembly_gen.oper_expression   1 
_pdbx_struct_assembly_gen.asym_id_list      A,B,C,D,E 
# 
_pdbx_struct_oper_list.id                   1 
_pdbx_struct_oper_list.type                 'identity operation' 
_pdbx_struct_oper_list.name                 1_555 
_pdbx_struct_oper_list.symmetry_operation   x,y,z 
_pdbx_struct_oper_list.matrix[1][1]         1.0000000000 
_pdbx_struct_oper_list.matrix[1][2]         0.0000000000 
_pdbx_struct_oper_list.matrix[1][3]         0.0000000000 
_pdbx_struct_oper_list.vector[1]            0.0000000000 
_pdbx_struct_oper_list.matrix[2][1]         0.0000000000 
_pdbx_struct_oper_list.matrix[2][2]         1.0000000000 
_pdbx_struct_oper_list.matrix[2][3]         0.0000000000 
_pdbx_struct_oper_list.vector[2]            0.0000000000 
_pdbx_struct_oper_list.matrix[3][1]         0.0000000000 
_pdbx_struct_oper_list.matrix[3][2]         0.0000000000 
_pdbx_struct_oper_list.matrix[3][3]         1.0000000000 
_pdbx_struct_oper_list.vector[3]            0.0000000000 
# 
_struct_biol.id   1 
# 
loop_
_struct_conf.conf_type_id 
_struct_conf.id 
_struct_conf.pdbx_PDB_helix_id 
_struct_conf.beg_label_comp_id 
_struct_conf.beg_label_asym_id 
_struct_conf.beg_label_seq_id 
_struct_conf.pdbx_beg_PDB_ins_code 
_struct_conf.end_label_comp_id 
_struct_conf.end_label_asym_id 
_struct_conf.end_label_seq_id 
_struct_conf.pdbx_end_PDB_ins_code 
_struct_conf.beg_auth_comp_id 
_struct_conf.beg_auth_asym_id 
_struct_conf.beg_auth_seq_id 
_struct_conf.end_auth_comp_id 
_struct_conf.end_auth_asym_id 
_struct_conf.end_auth_seq_id 
_struct_conf.pdbx_PDB_helix_class 
_struct_conf.details 
_struct_conf.pdbx_PDB_helix_length 
HELX_P HELX_P1 1 ARG A 31 ? GLY A 35 ? ARG A 356  GLY A 360  1 ? 5  
HELX_P HELX_P2 2 THR A 37 ? GLU A 47 ? THR A 362  GLU A 372  1 ? 11 
HELX_P HELX_P3 3 THR A 75 ? GLN A 88 ? THR A 1239 GLN A 1252 1 ? 14 
HELX_P HELX_P4 4 SER A 93 ? HIS A 98 ? SER A 1257 HIS A 1262 5 ? 6  
# 
_struct_conf_type.id          HELX_P 
_struct_conf_type.criteria    ? 
_struct_conf_type.reference   ? 
# 
loop_
_struct_conn.id 
_struct_conn.conn_type_id 
_struct_conn.pdbx_leaving_atom_flag 
_struct_conn.pdbx_PDB_id 
_struct_conn.ptnr1_label_asym_id 
_struct_conn.ptnr1_label_comp_id 
_struct_conn.ptnr1_label_seq_id 
_struct_conn.ptnr1_label_atom_id 
_struct_conn.pdbx_ptnr1_label_alt_id 
_struct_conn.pdbx_ptnr1_PDB_ins_code 
_struct_conn.pdbx_ptnr1_standard_comp_id 
_struct_conn.ptnr1_symmetry 
_struct_conn.ptnr2_label_asym_id 
_struct_conn.ptnr2_label_comp_id 
_struct_conn.ptnr2_label_seq_id 
_struct_conn.ptnr2_label_atom_id 
_struct_conn.pdbx_ptnr2_label_alt_id 
_struct_conn.pdbx_ptnr2_PDB_ins_code 
_struct_conn.ptnr1_auth_asym_id 
_struct_conn.ptnr1_auth_comp_id 
_struct_conn.ptnr1_auth_seq_id 
_struct_conn.ptnr2_auth_asym_id 
_struct_conn.ptnr2_auth_comp_id 
_struct_conn.ptnr2_auth_seq_id 
_struct_conn.ptnr2_symmetry 
_struct_conn.pdbx_ptnr3_label_atom_id 
_struct_conn.pdbx_ptnr3_label_seq_id 
_struct_conn.pdbx_ptnr3_label_comp_id 
_struct_conn.pdbx_ptnr3_label_asym_id 
_struct_conn.pdbx_ptnr3_label_alt_id 
_struct_conn.pdbx_ptnr3_PDB_ins_code 
_struct_conn.details 
_struct_conn.pdbx_dist_value 
_struct_conn.pdbx_value_order 
_struct_conn.pdbx_role 
metalc1 metalc ? ? A CYS 5  SG  ? ? ? 1_555 B ZN . ZN ? ? A CYS 330 A ZN 1383 1_555 ? ? ? ? ? ? ? 2.389 ? ? 
metalc2 metalc ? ? A CYS 8  SG  ? ? ? 1_555 B ZN . ZN ? ? A CYS 333 A ZN 1383 1_555 ? ? ? ? ? ? ? 2.323 ? ? 
metalc3 metalc ? ? A CYS 21 SG  ? ? ? 1_555 C ZN . ZN ? ? A CYS 346 A ZN 1384 1_555 ? ? ? ? ? ? ? 2.317 ? ? 
metalc4 metalc ? ? A CYS 25 SG  ? ? ? 1_555 C ZN . ZN ? ? A CYS 350 A ZN 1384 1_555 ? ? ? ? ? ? ? 2.335 ? ? 
metalc5 metalc ? ? A HIS 30 ND1 ? ? ? 1_555 B ZN . ZN ? ? A HIS 355 A ZN 1383 1_555 ? ? ? ? ? ? ? 2.069 ? ? 
metalc6 metalc ? ? A CYS 33 SG  ? ? ? 1_555 B ZN . ZN ? ? A CYS 358 A ZN 1383 1_555 ? ? ? ? ? ? ? 2.282 ? ? 
metalc7 metalc ? ? A CYS 54 SG  ? ? ? 1_555 C ZN . ZN ? ? A CYS 379 A ZN 1384 1_555 ? ? ? ? ? ? ? 2.384 ? ? 
metalc8 metalc ? ? A CYS 57 SG  ? ? ? 1_555 C ZN . ZN ? ? A CYS 382 A ZN 1384 1_555 ? ? ? ? ? ? ? 2.289 ? ? 
# 
_struct_conn_type.id          metalc 
_struct_conn_type.criteria    ? 
_struct_conn_type.reference   ? 
# 
loop_
_pdbx_struct_conn_angle.id 
_pdbx_struct_conn_angle.ptnr1_label_atom_id 
_pdbx_struct_conn_angle.ptnr1_label_alt_id 
_pdbx_struct_conn_angle.ptnr1_label_asym_id 
_pdbx_struct_conn_angle.ptnr1_label_comp_id 
_pdbx_struct_conn_angle.ptnr1_label_seq_id 
_pdbx_struct_conn_angle.ptnr1_auth_atom_id 
_pdbx_struct_conn_angle.ptnr1_auth_asym_id 
_pdbx_struct_conn_angle.ptnr1_auth_comp_id 
_pdbx_struct_conn_angle.ptnr1_auth_seq_id 
_pdbx_struct_conn_angle.ptnr1_PDB_ins_code 
_pdbx_struct_conn_angle.ptnr1_symmetry 
_pdbx_struct_conn_angle.ptnr2_label_atom_id 
_pdbx_struct_conn_angle.ptnr2_label_alt_id 
_pdbx_struct_conn_angle.ptnr2_label_asym_id 
_pdbx_struct_conn_angle.ptnr2_label_comp_id 
_pdbx_struct_conn_angle.ptnr2_label_seq_id 
_pdbx_struct_conn_angle.ptnr2_auth_atom_id 
_pdbx_struct_conn_angle.ptnr2_auth_asym_id 
_pdbx_struct_conn_angle.ptnr2_auth_comp_id 
_pdbx_struct_conn_angle.ptnr2_auth_seq_id 
_pdbx_struct_conn_angle.ptnr2_PDB_ins_code 
_pdbx_struct_conn_angle.ptnr2_symmetry 
_pdbx_struct_conn_angle.ptnr3_label_atom_id 
_pdbx_struct_conn_angle.ptnr3_label_alt_id 
_pdbx_struct_conn_angle.ptnr3_label_asym_id 
_pdbx_struct_conn_angle.ptnr3_label_comp_id 
_pdbx_struct_conn_angle.ptnr3_label_seq_id 
_pdbx_struct_conn_angle.ptnr3_auth_atom_id 
_pdbx_struct_conn_angle.ptnr3_auth_asym_id 
_pdbx_struct_conn_angle.ptnr3_auth_comp_id 
_pdbx_struct_conn_angle.ptnr3_auth_seq_id 
_pdbx_struct_conn_angle.ptnr3_PDB_ins_code 
_pdbx_struct_conn_angle.ptnr3_symmetry 
_pdbx_struct_conn_angle.value 
_pdbx_struct_conn_angle.value_esd 
1  SG  ? A CYS 5  ? A CYS 330 ? 1_555 ZN ? B ZN . ? A ZN 1383 ? 1_555 SG  ? A CYS 8  ? A CYS 333 ? 1_555 107.2 ? 
2  SG  ? A CYS 5  ? A CYS 330 ? 1_555 ZN ? B ZN . ? A ZN 1383 ? 1_555 ND1 ? A HIS 30 ? A HIS 355 ? 1_555 99.2  ? 
3  SG  ? A CYS 8  ? A CYS 333 ? 1_555 ZN ? B ZN . ? A ZN 1383 ? 1_555 ND1 ? A HIS 30 ? A HIS 355 ? 1_555 104.1 ? 
4  SG  ? A CYS 5  ? A CYS 330 ? 1_555 ZN ? B ZN . ? A ZN 1383 ? 1_555 SG  ? A CYS 33 ? A CYS 358 ? 1_555 118.8 ? 
5  SG  ? A CYS 8  ? A CYS 333 ? 1_555 ZN ? B ZN . ? A ZN 1383 ? 1_555 SG  ? A CYS 33 ? A CYS 358 ? 1_555 112.5 ? 
6  ND1 ? A HIS 30 ? A HIS 355 ? 1_555 ZN ? B ZN . ? A ZN 1383 ? 1_555 SG  ? A CYS 33 ? A CYS 358 ? 1_555 113.5 ? 
7  SG  ? A CYS 21 ? A CYS 346 ? 1_555 ZN ? C ZN . ? A ZN 1384 ? 1_555 SG  ? A CYS 25 ? A CYS 350 ? 1_555 106.0 ? 
8  SG  ? A CYS 21 ? A CYS 346 ? 1_555 ZN ? C ZN . ? A ZN 1384 ? 1_555 SG  ? A CYS 54 ? A CYS 379 ? 1_555 111.8 ? 
9  SG  ? A CYS 25 ? A CYS 350 ? 1_555 ZN ? C ZN . ? A ZN 1384 ? 1_555 SG  ? A CYS 54 ? A CYS 379 ? 1_555 113.1 ? 
10 SG  ? A CYS 21 ? A CYS 346 ? 1_555 ZN ? C ZN . ? A ZN 1384 ? 1_555 SG  ? A CYS 57 ? A CYS 382 ? 1_555 109.9 ? 
11 SG  ? A CYS 25 ? A CYS 350 ? 1_555 ZN ? C ZN . ? A ZN 1384 ? 1_555 SG  ? A CYS 57 ? A CYS 382 ? 1_555 110.3 ? 
12 SG  ? A CYS 54 ? A CYS 379 ? 1_555 ZN ? C ZN . ? A ZN 1384 ? 1_555 SG  ? A CYS 57 ? A CYS 382 ? 1_555 105.8 ? 
# 
loop_
_struct_sheet.id 
_struct_sheet.type 
_struct_sheet.number_strands 
_struct_sheet.details 
AA ? 2 ? 
AB ? 2 ? 
# 
loop_
_struct_sheet_order.sheet_id 
_struct_sheet_order.range_id_1 
_struct_sheet_order.range_id_2 
_struct_sheet_order.offset 
_struct_sheet_order.sense 
AA 1 2 ? anti-parallel 
AB 1 2 ? parallel      
# 
loop_
_struct_sheet_range.sheet_id 
_struct_sheet_range.id 
_struct_sheet_range.beg_label_comp_id 
_struct_sheet_range.beg_label_asym_id 
_struct_sheet_range.beg_label_seq_id 
_struct_sheet_range.pdbx_beg_PDB_ins_code 
_struct_sheet_range.end_label_comp_id 
_struct_sheet_range.end_label_asym_id 
_struct_sheet_range.end_label_seq_id 
_struct_sheet_range.pdbx_end_PDB_ins_code 
_struct_sheet_range.beg_auth_comp_id 
_struct_sheet_range.beg_auth_asym_id 
_struct_sheet_range.beg_auth_seq_id 
_struct_sheet_range.end_auth_comp_id 
_struct_sheet_range.end_auth_asym_id 
_struct_sheet_range.end_auth_seq_id 
AA 1 ALA A 18 ? LEU A 20 ? ALA A 343  LEU A 345  
AA 2 TRP A 28 ? HIS A 30 ? TRP A 353  HIS A 355  
AB 1 ALA A 50 ? TRP A 52 ? ALA A 375  TRP A 377  
AB 2 TYR A 72 ? PHE A 74 ? TYR A 1236 PHE A 1238 
# 
loop_
_pdbx_struct_sheet_hbond.sheet_id 
_pdbx_struct_sheet_hbond.range_id_1 
_pdbx_struct_sheet_hbond.range_id_2 
_pdbx_struct_sheet_hbond.range_1_label_atom_id 
_pdbx_struct_sheet_hbond.range_1_label_comp_id 
_pdbx_struct_sheet_hbond.range_1_label_asym_id 
_pdbx_struct_sheet_hbond.range_1_label_seq_id 
_pdbx_struct_sheet_hbond.range_1_PDB_ins_code 
_pdbx_struct_sheet_hbond.range_1_auth_atom_id 
_pdbx_struct_sheet_hbond.range_1_auth_comp_id 
_pdbx_struct_sheet_hbond.range_1_auth_asym_id 
_pdbx_struct_sheet_hbond.range_1_auth_seq_id 
_pdbx_struct_sheet_hbond.range_2_label_atom_id 
_pdbx_struct_sheet_hbond.range_2_label_comp_id 
_pdbx_struct_sheet_hbond.range_2_label_asym_id 
_pdbx_struct_sheet_hbond.range_2_label_seq_id 
_pdbx_struct_sheet_hbond.range_2_PDB_ins_code 
_pdbx_struct_sheet_hbond.range_2_auth_atom_id 
_pdbx_struct_sheet_hbond.range_2_auth_comp_id 
_pdbx_struct_sheet_hbond.range_2_auth_asym_id 
_pdbx_struct_sheet_hbond.range_2_auth_seq_id 
AA 1 2 N ILE A 19 ? N ILE A 344 O PHE A 29 ? O PHE A 354  
AB 1 2 N VAL A 51 ? N VAL A 376 O TYR A 72 ? O TYR A 1236 
# 
loop_
_struct_site.id 
_struct_site.pdbx_evidence_code 
_struct_site.pdbx_auth_asym_id 
_struct_site.pdbx_auth_comp_id 
_struct_site.pdbx_auth_seq_id 
_struct_site.pdbx_auth_ins_code 
_struct_site.pdbx_num_residues 
_struct_site.details 
AC1 Software A ZN  1383 ? 4 'BINDING SITE FOR RESIDUE ZN A 1383'  
AC2 Software A ZN  1384 ? 4 'BINDING SITE FOR RESIDUE ZN A 1384'  
AC3 Software A 94W 1385 ? 9 'BINDING SITE FOR RESIDUE 94W A 1385' 
# 
loop_
_struct_site_gen.id 
_struct_site_gen.site_id 
_struct_site_gen.pdbx_num_res 
_struct_site_gen.label_comp_id 
_struct_site_gen.label_asym_id 
_struct_site_gen.label_seq_id 
_struct_site_gen.pdbx_auth_ins_code 
_struct_site_gen.auth_comp_id 
_struct_site_gen.auth_asym_id 
_struct_site_gen.auth_seq_id 
_struct_site_gen.label_atom_id 
_struct_site_gen.label_alt_id 
_struct_site_gen.symmetry 
_struct_site_gen.details 
1  AC1 4 CYS A 5  ? CYS A 330  . ? 1_555 ? 
2  AC1 4 CYS A 8  ? CYS A 333  . ? 1_555 ? 
3  AC1 4 HIS A 30 ? HIS A 355  . ? 1_555 ? 
4  AC1 4 CYS A 33 ? CYS A 358  . ? 1_555 ? 
5  AC2 4 CYS A 21 ? CYS A 346  . ? 1_555 ? 
6  AC2 4 CYS A 25 ? CYS A 350  . ? 1_555 ? 
7  AC2 4 CYS A 54 ? CYS A 379  . ? 1_555 ? 
8  AC2 4 CYS A 57 ? CYS A 382  . ? 1_555 ? 
9  AC3 9 ALA A 7  ? ALA A 332  . ? 1_555 ? 
10 AC3 9 PHE A 29 ? PHE A 354  . ? 1_555 ? 
11 AC3 9 CYS A 33 ? CYS A 358  . ? 1_555 ? 
12 AC3 9 THR A 34 ? THR A 359  . ? 1_555 ? 
13 AC3 9 CYS A 54 ? CYS A 379  . ? 1_555 ? 
14 AC3 9 ASP A 55 ? ASP A 380  . ? 1_555 ? 
15 AC3 9 TYR A 72 ? TYR A 1236 . ? 6_454 ? 
16 AC3 9 THR A 76 ? THR A 1240 . ? 1_555 ? 
17 AC3 9 HIS A 98 ? HIS A 1262 . ? 6_454 ? 
# 
_pdbx_validate_torsion.id              1 
_pdbx_validate_torsion.PDB_model_num   1 
_pdbx_validate_torsion.auth_comp_id    SER 
_pdbx_validate_torsion.auth_asym_id    A 
_pdbx_validate_torsion.auth_seq_id     349 
_pdbx_validate_torsion.PDB_ins_code    ? 
_pdbx_validate_torsion.label_alt_id    ? 
_pdbx_validate_torsion.phi             -164.84 
_pdbx_validate_torsion.psi             -68.62 
# 
_pdbx_entry_details.entry_id                 4UP5 
_pdbx_entry_details.compound_details         ? 
_pdbx_entry_details.source_details           ? 
_pdbx_entry_details.nonpolymer_details       ? 
_pdbx_entry_details.sequence_details         
;GLYCINE (REMNANT OF TEV CLEAVAGE SITE), PYGO2 PHD FINGER (
AAS 327-387), ARTIFICIAL LINKER (8AA LINKER-GSGSGSGS), B9L
HD1 DOMAIN (AAS 235-263) IS MAPPED TO ISOFORM 2 OF Q86UU0
;
_pdbx_entry_details.has_ligand_of_interest   ? 
# 
loop_
_pdbx_unobs_or_zero_occ_residues.id 
_pdbx_unobs_or_zero_occ_residues.PDB_model_num 
_pdbx_unobs_or_zero_occ_residues.polymer_flag 
_pdbx_unobs_or_zero_occ_residues.occupancy_flag 
_pdbx_unobs_or_zero_occ_residues.auth_asym_id 
_pdbx_unobs_or_zero_occ_residues.auth_comp_id 
_pdbx_unobs_or_zero_occ_residues.auth_seq_id 
_pdbx_unobs_or_zero_occ_residues.PDB_ins_code 
_pdbx_unobs_or_zero_occ_residues.label_asym_id 
_pdbx_unobs_or_zero_occ_residues.label_comp_id 
_pdbx_unobs_or_zero_occ_residues.label_seq_id 
1  1 Y 1 A LEU 383  ? A LEU 58 
2  1 Y 1 A LYS 384  ? A LYS 59 
3  1 Y 1 A THR 385  ? A THR 60 
4  1 Y 1 A LYS 386  ? A LYS 61 
5  1 Y 1 A GLU 387  ? A GLU 62 
6  1 Y 1 A GLY 388  ? A GLY 63 
7  1 Y 1 A SER 389  ? A SER 64 
8  1 Y 1 A GLY 390  ? A GLY 65 
9  1 Y 1 A SER 391  ? A SER 66 
10 1 Y 1 A GLY 392  ? A GLY 67 
11 1 Y 1 A SER 393  ? A SER 68 
12 1 Y 1 A GLY 394  ? A GLY 69 
13 1 Y 1 A SER 395  ? A SER 70 
14 1 Y 1 A GLN 1263 ? A GLN 99 
# 
loop_
_chem_comp_atom.comp_id 
_chem_comp_atom.atom_id 
_chem_comp_atom.type_symbol 
_chem_comp_atom.pdbx_aromatic_flag 
_chem_comp_atom.pdbx_stereo_config 
_chem_comp_atom.pdbx_ordinal 
94W C01  C  Y N 1   
94W O02  O  N N 2   
94W C03  C  N N 3   
94W C04  C  Y N 4   
94W C05  C  Y N 5   
94W C06  C  Y N 6   
94W C07  C  Y N 7   
94W C08  C  Y N 8   
94W N09  N  Y N 9   
94W C10  C  Y N 10  
94W N11  N  N N 11  
94W S12  S  Y N 12  
94W H04  H  N N 13  
94W H08  H  N N 14  
94W H031 H  N N 15  
94W H032 H  N N 16  
94W H033 H  N N 17  
94W H07  H  N N 18  
94W H111 H  N N 19  
94W H112 H  N N 20  
ALA N    N  N N 21  
ALA CA   C  N S 22  
ALA C    C  N N 23  
ALA O    O  N N 24  
ALA CB   C  N N 25  
ALA OXT  O  N N 26  
ALA H    H  N N 27  
ALA H2   H  N N 28  
ALA HA   H  N N 29  
ALA HB1  H  N N 30  
ALA HB2  H  N N 31  
ALA HB3  H  N N 32  
ALA HXT  H  N N 33  
ARG N    N  N N 34  
ARG CA   C  N S 35  
ARG C    C  N N 36  
ARG O    O  N N 37  
ARG CB   C  N N 38  
ARG CG   C  N N 39  
ARG CD   C  N N 40  
ARG NE   N  N N 41  
ARG CZ   C  N N 42  
ARG NH1  N  N N 43  
ARG NH2  N  N N 44  
ARG OXT  O  N N 45  
ARG H    H  N N 46  
ARG H2   H  N N 47  
ARG HA   H  N N 48  
ARG HB2  H  N N 49  
ARG HB3  H  N N 50  
ARG HG2  H  N N 51  
ARG HG3  H  N N 52  
ARG HD2  H  N N 53  
ARG HD3  H  N N 54  
ARG HE   H  N N 55  
ARG HH11 H  N N 56  
ARG HH12 H  N N 57  
ARG HH21 H  N N 58  
ARG HH22 H  N N 59  
ARG HXT  H  N N 60  
ASN N    N  N N 61  
ASN CA   C  N S 62  
ASN C    C  N N 63  
ASN O    O  N N 64  
ASN CB   C  N N 65  
ASN CG   C  N N 66  
ASN OD1  O  N N 67  
ASN ND2  N  N N 68  
ASN OXT  O  N N 69  
ASN H    H  N N 70  
ASN H2   H  N N 71  
ASN HA   H  N N 72  
ASN HB2  H  N N 73  
ASN HB3  H  N N 74  
ASN HD21 H  N N 75  
ASN HD22 H  N N 76  
ASN HXT  H  N N 77  
ASP N    N  N N 78  
ASP CA   C  N S 79  
ASP C    C  N N 80  
ASP O    O  N N 81  
ASP CB   C  N N 82  
ASP CG   C  N N 83  
ASP OD1  O  N N 84  
ASP OD2  O  N N 85  
ASP OXT  O  N N 86  
ASP H    H  N N 87  
ASP H2   H  N N 88  
ASP HA   H  N N 89  
ASP HB2  H  N N 90  
ASP HB3  H  N N 91  
ASP HD2  H  N N 92  
ASP HXT  H  N N 93  
CYS N    N  N N 94  
CYS CA   C  N R 95  
CYS C    C  N N 96  
CYS O    O  N N 97  
CYS CB   C  N N 98  
CYS SG   S  N N 99  
CYS OXT  O  N N 100 
CYS H    H  N N 101 
CYS H2   H  N N 102 
CYS HA   H  N N 103 
CYS HB2  H  N N 104 
CYS HB3  H  N N 105 
CYS HG   H  N N 106 
CYS HXT  H  N N 107 
GLN N    N  N N 108 
GLN CA   C  N S 109 
GLN C    C  N N 110 
GLN O    O  N N 111 
GLN CB   C  N N 112 
GLN CG   C  N N 113 
GLN CD   C  N N 114 
GLN OE1  O  N N 115 
GLN NE2  N  N N 116 
GLN OXT  O  N N 117 
GLN H    H  N N 118 
GLN H2   H  N N 119 
GLN HA   H  N N 120 
GLN HB2  H  N N 121 
GLN HB3  H  N N 122 
GLN HG2  H  N N 123 
GLN HG3  H  N N 124 
GLN HE21 H  N N 125 
GLN HE22 H  N N 126 
GLN HXT  H  N N 127 
GLU N    N  N N 128 
GLU CA   C  N S 129 
GLU C    C  N N 130 
GLU O    O  N N 131 
GLU CB   C  N N 132 
GLU CG   C  N N 133 
GLU CD   C  N N 134 
GLU OE1  O  N N 135 
GLU OE2  O  N N 136 
GLU OXT  O  N N 137 
GLU H    H  N N 138 
GLU H2   H  N N 139 
GLU HA   H  N N 140 
GLU HB2  H  N N 141 
GLU HB3  H  N N 142 
GLU HG2  H  N N 143 
GLU HG3  H  N N 144 
GLU HE2  H  N N 145 
GLU HXT  H  N N 146 
GLY N    N  N N 147 
GLY CA   C  N N 148 
GLY C    C  N N 149 
GLY O    O  N N 150 
GLY OXT  O  N N 151 
GLY H    H  N N 152 
GLY H2   H  N N 153 
GLY HA2  H  N N 154 
GLY HA3  H  N N 155 
GLY HXT  H  N N 156 
HIS N    N  N N 157 
HIS CA   C  N S 158 
HIS C    C  N N 159 
HIS O    O  N N 160 
HIS CB   C  N N 161 
HIS CG   C  Y N 162 
HIS ND1  N  Y N 163 
HIS CD2  C  Y N 164 
HIS CE1  C  Y N 165 
HIS NE2  N  Y N 166 
HIS OXT  O  N N 167 
HIS H    H  N N 168 
HIS H2   H  N N 169 
HIS HA   H  N N 170 
HIS HB2  H  N N 171 
HIS HB3  H  N N 172 
HIS HD1  H  N N 173 
HIS HD2  H  N N 174 
HIS HE1  H  N N 175 
HIS HE2  H  N N 176 
HIS HXT  H  N N 177 
HOH O    O  N N 178 
HOH H1   H  N N 179 
HOH H2   H  N N 180 
ILE N    N  N N 181 
ILE CA   C  N S 182 
ILE C    C  N N 183 
ILE O    O  N N 184 
ILE CB   C  N S 185 
ILE CG1  C  N N 186 
ILE CG2  C  N N 187 
ILE CD1  C  N N 188 
ILE OXT  O  N N 189 
ILE H    H  N N 190 
ILE H2   H  N N 191 
ILE HA   H  N N 192 
ILE HB   H  N N 193 
ILE HG12 H  N N 194 
ILE HG13 H  N N 195 
ILE HG21 H  N N 196 
ILE HG22 H  N N 197 
ILE HG23 H  N N 198 
ILE HD11 H  N N 199 
ILE HD12 H  N N 200 
ILE HD13 H  N N 201 
ILE HXT  H  N N 202 
LEU N    N  N N 203 
LEU CA   C  N S 204 
LEU C    C  N N 205 
LEU O    O  N N 206 
LEU CB   C  N N 207 
LEU CG   C  N N 208 
LEU CD1  C  N N 209 
LEU CD2  C  N N 210 
LEU OXT  O  N N 211 
LEU H    H  N N 212 
LEU H2   H  N N 213 
LEU HA   H  N N 214 
LEU HB2  H  N N 215 
LEU HB3  H  N N 216 
LEU HG   H  N N 217 
LEU HD11 H  N N 218 
LEU HD12 H  N N 219 
LEU HD13 H  N N 220 
LEU HD21 H  N N 221 
LEU HD22 H  N N 222 
LEU HD23 H  N N 223 
LEU HXT  H  N N 224 
LYS N    N  N N 225 
LYS CA   C  N S 226 
LYS C    C  N N 227 
LYS O    O  N N 228 
LYS CB   C  N N 229 
LYS CG   C  N N 230 
LYS CD   C  N N 231 
LYS CE   C  N N 232 
LYS NZ   N  N N 233 
LYS OXT  O  N N 234 
LYS H    H  N N 235 
LYS H2   H  N N 236 
LYS HA   H  N N 237 
LYS HB2  H  N N 238 
LYS HB3  H  N N 239 
LYS HG2  H  N N 240 
LYS HG3  H  N N 241 
LYS HD2  H  N N 242 
LYS HD3  H  N N 243 
LYS HE2  H  N N 244 
LYS HE3  H  N N 245 
LYS HZ1  H  N N 246 
LYS HZ2  H  N N 247 
LYS HZ3  H  N N 248 
LYS HXT  H  N N 249 
MET N    N  N N 250 
MET CA   C  N S 251 
MET C    C  N N 252 
MET O    O  N N 253 
MET CB   C  N N 254 
MET CG   C  N N 255 
MET SD   S  N N 256 
MET CE   C  N N 257 
MET OXT  O  N N 258 
MET H    H  N N 259 
MET H2   H  N N 260 
MET HA   H  N N 261 
MET HB2  H  N N 262 
MET HB3  H  N N 263 
MET HG2  H  N N 264 
MET HG3  H  N N 265 
MET HE1  H  N N 266 
MET HE2  H  N N 267 
MET HE3  H  N N 268 
MET HXT  H  N N 269 
PHE N    N  N N 270 
PHE CA   C  N S 271 
PHE C    C  N N 272 
PHE O    O  N N 273 
PHE CB   C  N N 274 
PHE CG   C  Y N 275 
PHE CD1  C  Y N 276 
PHE CD2  C  Y N 277 
PHE CE1  C  Y N 278 
PHE CE2  C  Y N 279 
PHE CZ   C  Y N 280 
PHE OXT  O  N N 281 
PHE H    H  N N 282 
PHE H2   H  N N 283 
PHE HA   H  N N 284 
PHE HB2  H  N N 285 
PHE HB3  H  N N 286 
PHE HD1  H  N N 287 
PHE HD2  H  N N 288 
PHE HE1  H  N N 289 
PHE HE2  H  N N 290 
PHE HZ   H  N N 291 
PHE HXT  H  N N 292 
PRO N    N  N N 293 
PRO CA   C  N S 294 
PRO C    C  N N 295 
PRO O    O  N N 296 
PRO CB   C  N N 297 
PRO CG   C  N N 298 
PRO CD   C  N N 299 
PRO OXT  O  N N 300 
PRO H    H  N N 301 
PRO HA   H  N N 302 
PRO HB2  H  N N 303 
PRO HB3  H  N N 304 
PRO HG2  H  N N 305 
PRO HG3  H  N N 306 
PRO HD2  H  N N 307 
PRO HD3  H  N N 308 
PRO HXT  H  N N 309 
SER N    N  N N 310 
SER CA   C  N S 311 
SER C    C  N N 312 
SER O    O  N N 313 
SER CB   C  N N 314 
SER OG   O  N N 315 
SER OXT  O  N N 316 
SER H    H  N N 317 
SER H2   H  N N 318 
SER HA   H  N N 319 
SER HB2  H  N N 320 
SER HB3  H  N N 321 
SER HG   H  N N 322 
SER HXT  H  N N 323 
THR N    N  N N 324 
THR CA   C  N S 325 
THR C    C  N N 326 
THR O    O  N N 327 
THR CB   C  N R 328 
THR OG1  O  N N 329 
THR CG2  C  N N 330 
THR OXT  O  N N 331 
THR H    H  N N 332 
THR H2   H  N N 333 
THR HA   H  N N 334 
THR HB   H  N N 335 
THR HG1  H  N N 336 
THR HG21 H  N N 337 
THR HG22 H  N N 338 
THR HG23 H  N N 339 
THR HXT  H  N N 340 
TRP N    N  N N 341 
TRP CA   C  N S 342 
TRP C    C  N N 343 
TRP O    O  N N 344 
TRP CB   C  N N 345 
TRP CG   C  Y N 346 
TRP CD1  C  Y N 347 
TRP CD2  C  Y N 348 
TRP NE1  N  Y N 349 
TRP CE2  C  Y N 350 
TRP CE3  C  Y N 351 
TRP CZ2  C  Y N 352 
TRP CZ3  C  Y N 353 
TRP CH2  C  Y N 354 
TRP OXT  O  N N 355 
TRP H    H  N N 356 
TRP H2   H  N N 357 
TRP HA   H  N N 358 
TRP HB2  H  N N 359 
TRP HB3  H  N N 360 
TRP HD1  H  N N 361 
TRP HE1  H  N N 362 
TRP HE3  H  N N 363 
TRP HZ2  H  N N 364 
TRP HZ3  H  N N 365 
TRP HH2  H  N N 366 
TRP HXT  H  N N 367 
TYR N    N  N N 368 
TYR CA   C  N S 369 
TYR C    C  N N 370 
TYR O    O  N N 371 
TYR CB   C  N N 372 
TYR CG   C  Y N 373 
TYR CD1  C  Y N 374 
TYR CD2  C  Y N 375 
TYR CE1  C  Y N 376 
TYR CE2  C  Y N 377 
TYR CZ   C  Y N 378 
TYR OH   O  N N 379 
TYR OXT  O  N N 380 
TYR H    H  N N 381 
TYR H2   H  N N 382 
TYR HA   H  N N 383 
TYR HB2  H  N N 384 
TYR HB3  H  N N 385 
TYR HD1  H  N N 386 
TYR HD2  H  N N 387 
TYR HE1  H  N N 388 
TYR HE2  H  N N 389 
TYR HH   H  N N 390 
TYR HXT  H  N N 391 
VAL N    N  N N 392 
VAL CA   C  N S 393 
VAL C    C  N N 394 
VAL O    O  N N 395 
VAL CB   C  N N 396 
VAL CG1  C  N N 397 
VAL CG2  C  N N 398 
VAL OXT  O  N N 399 
VAL H    H  N N 400 
VAL H2   H  N N 401 
VAL HA   H  N N 402 
VAL HB   H  N N 403 
VAL HG11 H  N N 404 
VAL HG12 H  N N 405 
VAL HG13 H  N N 406 
VAL HG21 H  N N 407 
VAL HG22 H  N N 408 
VAL HG23 H  N N 409 
VAL HXT  H  N N 410 
ZN  ZN   ZN N N 411 
# 
loop_
_chem_comp_bond.comp_id 
_chem_comp_bond.atom_id_1 
_chem_comp_bond.atom_id_2 
_chem_comp_bond.value_order 
_chem_comp_bond.pdbx_aromatic_flag 
_chem_comp_bond.pdbx_stereo_config 
_chem_comp_bond.pdbx_ordinal 
94W C01 O02  sing N N 1   
94W C01 C04  sing Y N 2   
94W C01 C08  doub Y N 3   
94W O02 C03  sing N N 4   
94W C04 C05  doub Y N 5   
94W C05 C06  sing Y N 6   
94W C05 S12  sing Y N 7   
94W C06 C07  doub Y N 8   
94W C06 N09  sing Y N 9   
94W C07 C08  sing Y N 10  
94W N09 C10  doub Y N 11  
94W C10 N11  sing N N 12  
94W C10 S12  sing Y N 13  
94W C04 H04  sing N N 14  
94W C08 H08  sing N N 15  
94W C03 H031 sing N N 16  
94W C03 H032 sing N N 17  
94W C03 H033 sing N N 18  
94W C07 H07  sing N N 19  
94W N11 H111 sing N N 20  
94W N11 H112 sing N N 21  
ALA N   CA   sing N N 22  
ALA N   H    sing N N 23  
ALA N   H2   sing N N 24  
ALA CA  C    sing N N 25  
ALA CA  CB   sing N N 26  
ALA CA  HA   sing N N 27  
ALA C   O    doub N N 28  
ALA C   OXT  sing N N 29  
ALA CB  HB1  sing N N 30  
ALA CB  HB2  sing N N 31  
ALA CB  HB3  sing N N 32  
ALA OXT HXT  sing N N 33  
ARG N   CA   sing N N 34  
ARG N   H    sing N N 35  
ARG N   H2   sing N N 36  
ARG CA  C    sing N N 37  
ARG CA  CB   sing N N 38  
ARG CA  HA   sing N N 39  
ARG C   O    doub N N 40  
ARG C   OXT  sing N N 41  
ARG CB  CG   sing N N 42  
ARG CB  HB2  sing N N 43  
ARG CB  HB3  sing N N 44  
ARG CG  CD   sing N N 45  
ARG CG  HG2  sing N N 46  
ARG CG  HG3  sing N N 47  
ARG CD  NE   sing N N 48  
ARG CD  HD2  sing N N 49  
ARG CD  HD3  sing N N 50  
ARG NE  CZ   sing N N 51  
ARG NE  HE   sing N N 52  
ARG CZ  NH1  sing N N 53  
ARG CZ  NH2  doub N N 54  
ARG NH1 HH11 sing N N 55  
ARG NH1 HH12 sing N N 56  
ARG NH2 HH21 sing N N 57  
ARG NH2 HH22 sing N N 58  
ARG OXT HXT  sing N N 59  
ASN N   CA   sing N N 60  
ASN N   H    sing N N 61  
ASN N   H2   sing N N 62  
ASN CA  C    sing N N 63  
ASN CA  CB   sing N N 64  
ASN CA  HA   sing N N 65  
ASN C   O    doub N N 66  
ASN C   OXT  sing N N 67  
ASN CB  CG   sing N N 68  
ASN CB  HB2  sing N N 69  
ASN CB  HB3  sing N N 70  
ASN CG  OD1  doub N N 71  
ASN CG  ND2  sing N N 72  
ASN ND2 HD21 sing N N 73  
ASN ND2 HD22 sing N N 74  
ASN OXT HXT  sing N N 75  
ASP N   CA   sing N N 76  
ASP N   H    sing N N 77  
ASP N   H2   sing N N 78  
ASP CA  C    sing N N 79  
ASP CA  CB   sing N N 80  
ASP CA  HA   sing N N 81  
ASP C   O    doub N N 82  
ASP C   OXT  sing N N 83  
ASP CB  CG   sing N N 84  
ASP CB  HB2  sing N N 85  
ASP CB  HB3  sing N N 86  
ASP CG  OD1  doub N N 87  
ASP CG  OD2  sing N N 88  
ASP OD2 HD2  sing N N 89  
ASP OXT HXT  sing N N 90  
CYS N   CA   sing N N 91  
CYS N   H    sing N N 92  
CYS N   H2   sing N N 93  
CYS CA  C    sing N N 94  
CYS CA  CB   sing N N 95  
CYS CA  HA   sing N N 96  
CYS C   O    doub N N 97  
CYS C   OXT  sing N N 98  
CYS CB  SG   sing N N 99  
CYS CB  HB2  sing N N 100 
CYS CB  HB3  sing N N 101 
CYS SG  HG   sing N N 102 
CYS OXT HXT  sing N N 103 
GLN N   CA   sing N N 104 
GLN N   H    sing N N 105 
GLN N   H2   sing N N 106 
GLN CA  C    sing N N 107 
GLN CA  CB   sing N N 108 
GLN CA  HA   sing N N 109 
GLN C   O    doub N N 110 
GLN C   OXT  sing N N 111 
GLN CB  CG   sing N N 112 
GLN CB  HB2  sing N N 113 
GLN CB  HB3  sing N N 114 
GLN CG  CD   sing N N 115 
GLN CG  HG2  sing N N 116 
GLN CG  HG3  sing N N 117 
GLN CD  OE1  doub N N 118 
GLN CD  NE2  sing N N 119 
GLN NE2 HE21 sing N N 120 
GLN NE2 HE22 sing N N 121 
GLN OXT HXT  sing N N 122 
GLU N   CA   sing N N 123 
GLU N   H    sing N N 124 
GLU N   H2   sing N N 125 
GLU CA  C    sing N N 126 
GLU CA  CB   sing N N 127 
GLU CA  HA   sing N N 128 
GLU C   O    doub N N 129 
GLU C   OXT  sing N N 130 
GLU CB  CG   sing N N 131 
GLU CB  HB2  sing N N 132 
GLU CB  HB3  sing N N 133 
GLU CG  CD   sing N N 134 
GLU CG  HG2  sing N N 135 
GLU CG  HG3  sing N N 136 
GLU CD  OE1  doub N N 137 
GLU CD  OE2  sing N N 138 
GLU OE2 HE2  sing N N 139 
GLU OXT HXT  sing N N 140 
GLY N   CA   sing N N 141 
GLY N   H    sing N N 142 
GLY N   H2   sing N N 143 
GLY CA  C    sing N N 144 
GLY CA  HA2  sing N N 145 
GLY CA  HA3  sing N N 146 
GLY C   O    doub N N 147 
GLY C   OXT  sing N N 148 
GLY OXT HXT  sing N N 149 
HIS N   CA   sing N N 150 
HIS N   H    sing N N 151 
HIS N   H2   sing N N 152 
HIS CA  C    sing N N 153 
HIS CA  CB   sing N N 154 
HIS CA  HA   sing N N 155 
HIS C   O    doub N N 156 
HIS C   OXT  sing N N 157 
HIS CB  CG   sing N N 158 
HIS CB  HB2  sing N N 159 
HIS CB  HB3  sing N N 160 
HIS CG  ND1  sing Y N 161 
HIS CG  CD2  doub Y N 162 
HIS ND1 CE1  doub Y N 163 
HIS ND1 HD1  sing N N 164 
HIS CD2 NE2  sing Y N 165 
HIS CD2 HD2  sing N N 166 
HIS CE1 NE2  sing Y N 167 
HIS CE1 HE1  sing N N 168 
HIS NE2 HE2  sing N N 169 
HIS OXT HXT  sing N N 170 
HOH O   H1   sing N N 171 
HOH O   H2   sing N N 172 
ILE N   CA   sing N N 173 
ILE N   H    sing N N 174 
ILE N   H2   sing N N 175 
ILE CA  C    sing N N 176 
ILE CA  CB   sing N N 177 
ILE CA  HA   sing N N 178 
ILE C   O    doub N N 179 
ILE C   OXT  sing N N 180 
ILE CB  CG1  sing N N 181 
ILE CB  CG2  sing N N 182 
ILE CB  HB   sing N N 183 
ILE CG1 CD1  sing N N 184 
ILE CG1 HG12 sing N N 185 
ILE CG1 HG13 sing N N 186 
ILE CG2 HG21 sing N N 187 
ILE CG2 HG22 sing N N 188 
ILE CG2 HG23 sing N N 189 
ILE CD1 HD11 sing N N 190 
ILE CD1 HD12 sing N N 191 
ILE CD1 HD13 sing N N 192 
ILE OXT HXT  sing N N 193 
LEU N   CA   sing N N 194 
LEU N   H    sing N N 195 
LEU N   H2   sing N N 196 
LEU CA  C    sing N N 197 
LEU CA  CB   sing N N 198 
LEU CA  HA   sing N N 199 
LEU C   O    doub N N 200 
LEU C   OXT  sing N N 201 
LEU CB  CG   sing N N 202 
LEU CB  HB2  sing N N 203 
LEU CB  HB3  sing N N 204 
LEU CG  CD1  sing N N 205 
LEU CG  CD2  sing N N 206 
LEU CG  HG   sing N N 207 
LEU CD1 HD11 sing N N 208 
LEU CD1 HD12 sing N N 209 
LEU CD1 HD13 sing N N 210 
LEU CD2 HD21 sing N N 211 
LEU CD2 HD22 sing N N 212 
LEU CD2 HD23 sing N N 213 
LEU OXT HXT  sing N N 214 
LYS N   CA   sing N N 215 
LYS N   H    sing N N 216 
LYS N   H2   sing N N 217 
LYS CA  C    sing N N 218 
LYS CA  CB   sing N N 219 
LYS CA  HA   sing N N 220 
LYS C   O    doub N N 221 
LYS C   OXT  sing N N 222 
LYS CB  CG   sing N N 223 
LYS CB  HB2  sing N N 224 
LYS CB  HB3  sing N N 225 
LYS CG  CD   sing N N 226 
LYS CG  HG2  sing N N 227 
LYS CG  HG3  sing N N 228 
LYS CD  CE   sing N N 229 
LYS CD  HD2  sing N N 230 
LYS CD  HD3  sing N N 231 
LYS CE  NZ   sing N N 232 
LYS CE  HE2  sing N N 233 
LYS CE  HE3  sing N N 234 
LYS NZ  HZ1  sing N N 235 
LYS NZ  HZ2  sing N N 236 
LYS NZ  HZ3  sing N N 237 
LYS OXT HXT  sing N N 238 
MET N   CA   sing N N 239 
MET N   H    sing N N 240 
MET N   H2   sing N N 241 
MET CA  C    sing N N 242 
MET CA  CB   sing N N 243 
MET CA  HA   sing N N 244 
MET C   O    doub N N 245 
MET C   OXT  sing N N 246 
MET CB  CG   sing N N 247 
MET CB  HB2  sing N N 248 
MET CB  HB3  sing N N 249 
MET CG  SD   sing N N 250 
MET CG  HG2  sing N N 251 
MET CG  HG3  sing N N 252 
MET SD  CE   sing N N 253 
MET CE  HE1  sing N N 254 
MET CE  HE2  sing N N 255 
MET CE  HE3  sing N N 256 
MET OXT HXT  sing N N 257 
PHE N   CA   sing N N 258 
PHE N   H    sing N N 259 
PHE N   H2   sing N N 260 
PHE CA  C    sing N N 261 
PHE CA  CB   sing N N 262 
PHE CA  HA   sing N N 263 
PHE C   O    doub N N 264 
PHE C   OXT  sing N N 265 
PHE CB  CG   sing N N 266 
PHE CB  HB2  sing N N 267 
PHE CB  HB3  sing N N 268 
PHE CG  CD1  doub Y N 269 
PHE CG  CD2  sing Y N 270 
PHE CD1 CE1  sing Y N 271 
PHE CD1 HD1  sing N N 272 
PHE CD2 CE2  doub Y N 273 
PHE CD2 HD2  sing N N 274 
PHE CE1 CZ   doub Y N 275 
PHE CE1 HE1  sing N N 276 
PHE CE2 CZ   sing Y N 277 
PHE CE2 HE2  sing N N 278 
PHE CZ  HZ   sing N N 279 
PHE OXT HXT  sing N N 280 
PRO N   CA   sing N N 281 
PRO N   CD   sing N N 282 
PRO N   H    sing N N 283 
PRO CA  C    sing N N 284 
PRO CA  CB   sing N N 285 
PRO CA  HA   sing N N 286 
PRO C   O    doub N N 287 
PRO C   OXT  sing N N 288 
PRO CB  CG   sing N N 289 
PRO CB  HB2  sing N N 290 
PRO CB  HB3  sing N N 291 
PRO CG  CD   sing N N 292 
PRO CG  HG2  sing N N 293 
PRO CG  HG3  sing N N 294 
PRO CD  HD2  sing N N 295 
PRO CD  HD3  sing N N 296 
PRO OXT HXT  sing N N 297 
SER N   CA   sing N N 298 
SER N   H    sing N N 299 
SER N   H2   sing N N 300 
SER CA  C    sing N N 301 
SER CA  CB   sing N N 302 
SER CA  HA   sing N N 303 
SER C   O    doub N N 304 
SER C   OXT  sing N N 305 
SER CB  OG   sing N N 306 
SER CB  HB2  sing N N 307 
SER CB  HB3  sing N N 308 
SER OG  HG   sing N N 309 
SER OXT HXT  sing N N 310 
THR N   CA   sing N N 311 
THR N   H    sing N N 312 
THR N   H2   sing N N 313 
THR CA  C    sing N N 314 
THR CA  CB   sing N N 315 
THR CA  HA   sing N N 316 
THR C   O    doub N N 317 
THR C   OXT  sing N N 318 
THR CB  OG1  sing N N 319 
THR CB  CG2  sing N N 320 
THR CB  HB   sing N N 321 
THR OG1 HG1  sing N N 322 
THR CG2 HG21 sing N N 323 
THR CG2 HG22 sing N N 324 
THR CG2 HG23 sing N N 325 
THR OXT HXT  sing N N 326 
TRP N   CA   sing N N 327 
TRP N   H    sing N N 328 
TRP N   H2   sing N N 329 
TRP CA  C    sing N N 330 
TRP CA  CB   sing N N 331 
TRP CA  HA   sing N N 332 
TRP C   O    doub N N 333 
TRP C   OXT  sing N N 334 
TRP CB  CG   sing N N 335 
TRP CB  HB2  sing N N 336 
TRP CB  HB3  sing N N 337 
TRP CG  CD1  doub Y N 338 
TRP CG  CD2  sing Y N 339 
TRP CD1 NE1  sing Y N 340 
TRP CD1 HD1  sing N N 341 
TRP CD2 CE2  doub Y N 342 
TRP CD2 CE3  sing Y N 343 
TRP NE1 CE2  sing Y N 344 
TRP NE1 HE1  sing N N 345 
TRP CE2 CZ2  sing Y N 346 
TRP CE3 CZ3  doub Y N 347 
TRP CE3 HE3  sing N N 348 
TRP CZ2 CH2  doub Y N 349 
TRP CZ2 HZ2  sing N N 350 
TRP CZ3 CH2  sing Y N 351 
TRP CZ3 HZ3  sing N N 352 
TRP CH2 HH2  sing N N 353 
TRP OXT HXT  sing N N 354 
TYR N   CA   sing N N 355 
TYR N   H    sing N N 356 
TYR N   H2   sing N N 357 
TYR CA  C    sing N N 358 
TYR CA  CB   sing N N 359 
TYR CA  HA   sing N N 360 
TYR C   O    doub N N 361 
TYR C   OXT  sing N N 362 
TYR CB  CG   sing N N 363 
TYR CB  HB2  sing N N 364 
TYR CB  HB3  sing N N 365 
TYR CG  CD1  doub Y N 366 
TYR CG  CD2  sing Y N 367 
TYR CD1 CE1  sing Y N 368 
TYR CD1 HD1  sing N N 369 
TYR CD2 CE2  doub Y N 370 
TYR CD2 HD2  sing N N 371 
TYR CE1 CZ   doub Y N 372 
TYR CE1 HE1  sing N N 373 
TYR CE2 CZ   sing Y N 374 
TYR CE2 HE2  sing N N 375 
TYR CZ  OH   sing N N 376 
TYR OH  HH   sing N N 377 
TYR OXT HXT  sing N N 378 
VAL N   CA   sing N N 379 
VAL N   H    sing N N 380 
VAL N   H2   sing N N 381 
VAL CA  C    sing N N 382 
VAL CA  CB   sing N N 383 
VAL CA  HA   sing N N 384 
VAL C   O    doub N N 385 
VAL C   OXT  sing N N 386 
VAL CB  CG1  sing N N 387 
VAL CB  CG2  sing N N 388 
VAL CB  HB   sing N N 389 
VAL CG1 HG11 sing N N 390 
VAL CG1 HG12 sing N N 391 
VAL CG1 HG13 sing N N 392 
VAL CG2 HG21 sing N N 393 
VAL CG2 HG22 sing N N 394 
VAL CG2 HG23 sing N N 395 
VAL OXT HXT  sing N N 396 
# 
_pdbx_initial_refinement_model.id               1 
_pdbx_initial_refinement_model.entity_id_list   ? 
_pdbx_initial_refinement_model.type             'experimental model' 
_pdbx_initial_refinement_model.source_name      PDB 
_pdbx_initial_refinement_model.accession_code   2XB1 
_pdbx_initial_refinement_model.details          'PDB ENTRY 2XB1' 
# 
_atom_sites.entry_id                    4UP5 
_atom_sites.fract_transf_matrix[1][1]   -0.00087634 
_atom_sites.fract_transf_matrix[1][2]   -0.01677361 
_atom_sites.fract_transf_matrix[1][3]   -0.00757598 
_atom_sites.fract_transf_matrix[2][1]   0.01277129 
_atom_sites.fract_transf_matrix[2][2]   0.00490726 
_atom_sites.fract_transf_matrix[2][3]   -0.01234222 
_atom_sites.fract_transf_matrix[3][1]   0.01247554 
_atom_sites.fract_transf_matrix[3][2]   -0.00549550 
_atom_sites.fract_transf_matrix[3][3]   0.01072424 
_atom_sites.fract_transf_vector[1]      -0.207048 
_atom_sites.fract_transf_vector[2]      0.153022 
_atom_sites.fract_transf_vector[3]      -0.014995 
# 
loop_
_atom_type.symbol 
C  
N  
O  
S  
ZN 
# 
loop_
_atom_site.group_PDB 
_atom_site.id 
_atom_site.type_symbol 
_atom_site.label_atom_id 
_atom_site.label_alt_id 
_atom_site.label_comp_id 
_atom_site.label_asym_id 
_atom_site.label_entity_id 
_atom_site.label_seq_id 
_atom_site.pdbx_PDB_ins_code 
_atom_site.Cartn_x 
_atom_site.Cartn_y 
_atom_site.Cartn_z 
_atom_site.occupancy 
_atom_site.B_iso_or_equiv 
_atom_site.pdbx_formal_charge 
_atom_site.auth_seq_id 
_atom_site.auth_comp_id 
_atom_site.auth_asym_id 
_atom_site.auth_atom_id 
_atom_site.pdbx_PDB_model_num 
ATOM   1   N  N   . GLY A 1 1  ? 14.469  6.549   12.396  1.00 30.33 ? 326  GLY A N   1 
ATOM   2   C  CA  . GLY A 1 1  ? 14.287  6.134   10.966  1.00 27.42 ? 326  GLY A CA  1 
ATOM   3   C  C   . GLY A 1 1  ? 15.106  7.034   10.031  1.00 24.72 ? 326  GLY A C   1 
ATOM   4   O  O   . GLY A 1 1  ? 15.321  8.183   10.290  1.00 22.34 ? 326  GLY A O   1 
ATOM   5   N  N   . VAL A 1 2  ? 15.528  6.497   8.922   1.00 22.65 ? 327  VAL A N   1 
ATOM   6   C  CA  . VAL A 1 2  ? 16.237  7.195   7.883   1.00 21.66 ? 327  VAL A CA  1 
ATOM   7   C  C   . VAL A 1 2  ? 15.313  8.027   6.942   1.00 21.16 ? 327  VAL A C   1 
ATOM   8   O  O   . VAL A 1 2  ? 15.692  9.091   6.556   1.00 20.54 ? 327  VAL A O   1 
ATOM   9   C  CB  . VAL A 1 2  ? 16.951  6.162   6.955   1.00 25.07 ? 327  VAL A CB  1 
ATOM   10  C  CG1 . VAL A 1 2  ? 17.481  6.828   5.692   1.00 27.93 ? 327  VAL A CG1 1 
ATOM   11  C  CG2 . VAL A 1 2  ? 18.054  5.484   7.736   1.00 30.33 ? 327  VAL A CG2 1 
ATOM   12  N  N   . TYR A 1 3  ? 14.114  7.529   6.612   1.00 19.67 ? 328  TYR A N   1 
ATOM   13  C  CA  . TYR A 1 3  ? 13.271  8.157   5.589   1.00 18.99 ? 328  TYR A CA  1 
ATOM   14  C  C   . TYR A 1 3  ? 12.102  8.923   6.226   1.00 18.11 ? 328  TYR A C   1 
ATOM   15  O  O   . TYR A 1 3  ? 11.473  8.433   7.174   1.00 17.15 ? 328  TYR A O   1 
ATOM   16  C  CB  . TYR A 1 3  ? 12.654  7.100   4.679   1.00 23.22 ? 328  TYR A CB  1 
ATOM   17  C  CG  . TYR A 1 3  ? 13.688  6.326   3.832   1.00 27.58 ? 328  TYR A CG  1 
ATOM   18  C  CD1 . TYR A 1 3  ? 14.283  6.927   2.770   1.00 37.27 ? 328  TYR A CD1 1 
ATOM   19  C  CD2 . TYR A 1 3  ? 14.021  5.055   4.178   1.00 30.39 ? 328  TYR A CD2 1 
ATOM   20  C  CE1 . TYR A 1 3  ? 15.255  6.240   2.039   1.00 36.49 ? 328  TYR A CE1 1 
ATOM   21  C  CE2 . TYR A 1 3  ? 14.927  4.331   3.440   1.00 33.04 ? 328  TYR A CE2 1 
ATOM   22  C  CZ  . TYR A 1 3  ? 15.525  4.948   2.374   1.00 35.36 ? 328  TYR A CZ  1 
ATOM   23  O  OH  . TYR A 1 3  ? 16.447  4.229   1.619   1.00 42.89 ? 328  TYR A OH  1 
ATOM   24  N  N   . PRO A 1 4  ? 11.728  10.062  5.638   1.00 16.26 ? 329  PRO A N   1 
ATOM   25  C  CA  . PRO A 1 4  ? 10.538  10.735  6.106   1.00 15.69 ? 329  PRO A CA  1 
ATOM   26  C  C   . PRO A 1 4  ? 9.285   10.331  5.315   1.00 17.01 ? 329  PRO A C   1 
ATOM   27  O  O   . PRO A 1 4  ? 9.357   9.994   4.108   1.00 16.72 ? 329  PRO A O   1 
ATOM   28  C  CB  . PRO A 1 4  ? 10.802  12.201  5.775   1.00 17.10 ? 329  PRO A CB  1 
ATOM   29  C  CG  . PRO A 1 4  ? 11.731  12.072  4.584   1.00 16.15 ? 329  PRO A CG  1 
ATOM   30  C  CD  . PRO A 1 4  ? 12.498  10.868  4.692   1.00 18.38 ? 329  PRO A CD  1 
ATOM   31  N  N   . CYS A 1 5  ? 8.150   10.336  6.004   1.00 15.63 ? 330  CYS A N   1 
ATOM   32  C  CA  . CYS A 1 5  ? 6.904   9.944   5.382   1.00 15.48 ? 330  CYS A CA  1 
ATOM   33  C  C   . CYS A 1 5  ? 6.527   10.929  4.292   1.00 15.85 ? 330  CYS A C   1 
ATOM   34  O  O   . CYS A 1 5  ? 6.503   12.175  4.523   1.00 17.39 ? 330  CYS A O   1 
ATOM   35  C  CB  . CYS A 1 5  ? 5.781   9.855   6.465   1.00 15.44 ? 330  CYS A CB  1 
ATOM   36  S  SG  . CYS A 1 5  ? 4.143   9.524   5.794   1.00 17.26 ? 330  CYS A SG  1 
ATOM   37  N  N   . GLY A 1 6  ? 6.182   10.409  3.102   1.00 16.70 ? 331  GLY A N   1 
ATOM   38  C  CA  . GLY A 1 6  ? 5.666   11.176  2.004   1.00 17.90 ? 331  GLY A CA  1 
ATOM   39  C  C   . GLY A 1 6  ? 4.486   12.053  2.248   1.00 20.98 ? 331  GLY A C   1 
ATOM   40  O  O   . GLY A 1 6  ? 4.242   13.041  1.534   1.00 22.89 ? 331  GLY A O   1 
ATOM   41  N  N   . ALA A 1 7  ? 3.680   11.655  3.224   1.00 19.51 ? 332  ALA A N   1 
ATOM   42  C  CA  . ALA A 1 7  ? 2.519   12.419  3.573   1.00 21.16 ? 332  ALA A CA  1 
ATOM   43  C  C   . ALA A 1 7  ? 2.692   13.348  4.712   1.00 21.32 ? 332  ALA A C   1 
ATOM   44  O  O   . ALA A 1 7  ? 2.481   14.560  4.581   1.00 25.45 ? 332  ALA A O   1 
ATOM   45  C  CB  . ALA A 1 7  ? 1.377   11.445  3.860   1.00 20.03 ? 332  ALA A CB  1 
ATOM   46  N  N   . CYS A 1 8  ? 3.173   12.878  5.859   1.00 19.91 ? 333  CYS A N   1 
ATOM   47  C  CA  . CYS A 1 8  ? 3.152   13.742  6.999   1.00 19.86 ? 333  CYS A CA  1 
ATOM   48  C  C   . CYS A 1 8  ? 4.517   14.433  7.252   1.00 20.20 ? 333  CYS A C   1 
ATOM   49  O  O   . CYS A 1 8  ? 4.680   15.281  8.144   1.00 21.18 ? 333  CYS A O   1 
ATOM   50  C  CB  . CYS A 1 8  ? 2.817   12.903  8.224   1.00 20.46 ? 333  CYS A CB  1 
ATOM   51  S  SG  . CYS A 1 8  ? 3.993   11.740  8.867   1.00 18.25 ? 333  CYS A SG  1 
ATOM   52  N  N   . ARG A 1 9  ? 5.489   13.919  6.540   1.00 18.31 ? 334  ARG A N   1 
ATOM   53  C  CA  . ARG A 1 9  ? 6.900   14.404  6.653   1.00 21.18 ? 334  ARG A CA  1 
ATOM   54  C  C   . ARG A 1 9  ? 7.699   14.081  7.883   1.00 18.64 ? 334  ARG A C   1 
ATOM   55  O  O   . ARG A 1 9  ? 8.822   14.604  7.997   1.00 22.77 ? 334  ARG A O   1 
ATOM   56  C  CB  . ARG A 1 9  ? 6.953   15.871  6.395   1.00 22.29 ? 334  ARG A CB  1 
ATOM   57  C  CG  . ARG A 1 9  ? 6.369   16.244  5.030   1.00 27.58 ? 334  ARG A CG  1 
ATOM   58  C  CD  . ARG A 1 9  ? 7.034   15.562  3.870   1.00 33.50 ? 334  ARG A CD  1 
ATOM   59  N  NE  . ARG A 1 9  ? 6.812   16.407  2.690   1.00 40.48 ? 334  ARG A NE  1 
ATOM   60  C  CZ  . ARG A 1 9  ? 7.021   16.061  1.431   1.00 43.57 ? 334  ARG A CZ  1 
ATOM   61  N  NH1 . ARG A 1 9  ? 7.488   14.848  1.123   1.00 50.66 ? 334  ARG A NH1 1 
ATOM   62  N  NH2 . ARG A 1 9  ? 6.746   16.967  0.471   1.00 47.24 ? 334  ARG A NH2 1 
ATOM   63  N  N   . SER A 1 10 ? 7.148   13.263  8.779   1.00 17.70 ? 335  SER A N   1 
ATOM   64  C  CA  . SER A 1 10 ? 7.810   12.786  9.950   1.00 17.48 ? 335  SER A CA  1 
ATOM   65  C  C   . SER A 1 10 ? 8.487   11.484  9.705   1.00 16.97 ? 335  SER A C   1 
ATOM   66  O  O   . SER A 1 10 ? 8.095   10.700  8.771   1.00 16.05 ? 335  SER A O   1 
ATOM   67  C  CB  . SER A 1 10 ? 6.692   12.705  11.010  1.00 25.22 ? 335  SER A CB  1 
ATOM   68  O  OG  . SER A 1 10 ? 7.165   12.561  12.281  1.00 33.62 ? 335  SER A OG  1 
ATOM   69  N  N   . GLU A 1 11 ? 9.461   11.113  10.531  1.00 17.43 ? 336  GLU A N   1 
ATOM   70  C  CA  . GLU A 1 11 ? 10.256  9.907   10.280  1.00 17.05 ? 336  GLU A CA  1 
ATOM   71  C  C   . GLU A 1 11 ? 9.399   8.655   10.279  1.00 18.47 ? 336  GLU A C   1 
ATOM   72  O  O   . GLU A 1 11 ? 8.460   8.534   11.096  1.00 18.88 ? 336  GLU A O   1 
ATOM   73  C  CB  . GLU A 1 11 ? 11.410  9.672   11.294  1.00 21.28 ? 336  GLU A CB  1 
ATOM   74  C  CG  . GLU A 1 11 ? 11.015  9.474   12.697  1.00 26.95 ? 336  GLU A CG  1 
ATOM   75  C  CD  . GLU A 1 11 ? 12.193  9.062   13.628  1.00 27.78 ? 336  GLU A CD  1 
ATOM   76  O  OE1 . GLU A 1 11 ? 13.333  8.906   13.137  1.00 26.01 ? 336  GLU A OE1 1 
ATOM   77  O  OE2 . GLU A 1 11 ? 11.917  8.940   14.865  1.00 33.54 ? 336  GLU A OE2 1 
ATOM   78  N  N   . VAL A 1 12 ? 9.806   7.712   9.426   1.00 18.00 ? 337  VAL A N   1 
ATOM   79  C  CA  . VAL A 1 12 ? 9.247   6.356   9.345   1.00 20.84 ? 337  VAL A CA  1 
ATOM   80  C  C   . VAL A 1 12 ? 10.222  5.471   10.134  1.00 20.88 ? 337  VAL A C   1 
ATOM   81  O  O   . VAL A 1 12 ? 11.363  5.262   9.757   1.00 21.84 ? 337  VAL A O   1 
ATOM   82  C  CB  . VAL A 1 12 ? 9.056   5.882   7.878   1.00 19.67 ? 337  VAL A CB  1 
ATOM   83  C  CG1 . VAL A 1 12 ? 8.651   4.388   7.864   1.00 22.44 ? 337  VAL A CG1 1 
ATOM   84  C  CG2 . VAL A 1 12 ? 8.066   6.734   7.159   1.00 18.54 ? 337  VAL A CG2 1 
ATOM   85  N  N   . ASN A 1 13 ? 9.749   4.962   11.266  1.00 23.62 ? 338  ASN A N   1 
ATOM   86  C  CA  . ASN A 1 13 ? 10.562  4.021   12.068  1.00 27.48 ? 338  ASN A CA  1 
ATOM   87  C  C   . ASN A 1 13 ? 10.261  2.601   11.815  1.00 32.63 ? 338  ASN A C   1 
ATOM   88  O  O   . ASN A 1 13 ? 9.180   2.238   11.335  1.00 27.03 ? 338  ASN A O   1 
ATOM   89  C  CB  . ASN A 1 13 ? 10.327  4.341   13.513  1.00 30.00 ? 338  ASN A CB  1 
ATOM   90  C  CG  . ASN A 1 13 ? 10.812  5.720   13.840  1.00 31.01 ? 338  ASN A CG  1 
ATOM   91  O  OD1 . ASN A 1 13 ? 11.779  6.179   13.224  1.00 41.34 ? 338  ASN A OD1 1 
ATOM   92  N  ND2 . ASN A 1 13 ? 10.118  6.422   14.718  1.00 32.69 ? 338  ASN A ND2 1 
ATOM   93  N  N   . ASP A 1 14 ? 11.234  1.768   12.125  1.00 35.72 ? 339  ASP A N   1 
ATOM   94  C  CA  . ASP A 1 14 ? 11.107  0.335   11.814  1.00 40.21 ? 339  ASP A CA  1 
ATOM   95  C  C   . ASP A 1 14 ? 9.902   -0.347  12.469  1.00 38.38 ? 339  ASP A C   1 
ATOM   96  O  O   . ASP A 1 14 ? 9.319   -1.271  11.894  1.00 43.46 ? 339  ASP A O   1 
ATOM   97  C  CB  . ASP A 1 14 ? 12.412  -0.389  12.159  1.00 54.08 ? 339  ASP A CB  1 
ATOM   98  C  CG  . ASP A 1 14 ? 13.523  -0.038  11.186  1.00 67.77 ? 339  ASP A CG  1 
ATOM   99  O  OD1 . ASP A 1 14 ? 14.007  1.122   11.218  1.00 84.07 ? 339  ASP A OD1 1 
ATOM   100 O  OD2 . ASP A 1 14 ? 13.891  -0.917  10.365  1.00 86.38 ? 339  ASP A OD2 1 
ATOM   101 N  N   . ASP A 1 15 ? 9.458   0.148   13.606  1.00 32.41 ? 340  ASP A N   1 
ATOM   102 C  CA  . ASP A 1 15 ? 8.294   -0.448  14.264  1.00 36.72 ? 340  ASP A CA  1 
ATOM   103 C  C   . ASP A 1 15 ? 6.934   0.034   13.745  1.00 35.48 ? 340  ASP A C   1 
ATOM   104 O  O   . ASP A 1 15 ? 5.900   -0.332  14.269  1.00 32.33 ? 340  ASP A O   1 
ATOM   105 C  CB  . ASP A 1 15 ? 8.383   -0.203  15.767  1.00 44.64 ? 340  ASP A CB  1 
ATOM   106 C  CG  . ASP A 1 15 ? 8.196   1.261   16.125  1.00 56.72 ? 340  ASP A CG  1 
ATOM   107 O  OD1 . ASP A 1 15 ? 8.722   2.119   15.377  1.00 57.72 ? 340  ASP A OD1 1 
ATOM   108 O  OD2 . ASP A 1 15 ? 7.508   1.553   17.139  1.00 66.69 ? 340  ASP A OD2 1 
ATOM   109 N  N   . GLN A 1 16 ? 6.909   0.915   12.748  1.00 26.80 ? 341  GLN A N   1 
ATOM   110 C  CA  . GLN A 1 16 ? 5.623   1.379   12.154  1.00 27.73 ? 341  GLN A CA  1 
ATOM   111 C  C   . GLN A 1 16 ? 5.381   0.674   10.794  1.00 23.33 ? 341  GLN A C   1 
ATOM   112 O  O   . GLN A 1 16 ? 6.345   0.385   10.044  1.00 28.04 ? 341  GLN A O   1 
ATOM   113 C  CB  . GLN A 1 16 ? 5.724   2.892   11.902  1.00 23.61 ? 341  GLN A CB  1 
ATOM   114 C  CG  . GLN A 1 16 ? 5.956   3.682   13.203  1.00 25.52 ? 341  GLN A CG  1 
ATOM   115 C  CD  . GLN A 1 16 ? 6.216   5.116   12.893  1.00 30.56 ? 341  GLN A CD  1 
ATOM   116 O  OE1 . GLN A 1 16 ? 7.050   5.398   12.035  1.00 26.81 ? 341  GLN A OE1 1 
ATOM   117 N  NE2 . GLN A 1 16 ? 5.543   6.021   13.587  1.00 33.12 ? 341  GLN A NE2 1 
ATOM   118 N  N   . ASP A 1 17 ? 4.101   0.383   10.482  1.00 22.59 ? 342  ASP A N   1 
ATOM   119 C  CA  . ASP A 1 17 ? 3.710   -0.151  9.210   1.00 23.25 ? 342  ASP A CA  1 
ATOM   120 C  C   . ASP A 1 17 ? 4.023   0.963   8.169   1.00 20.36 ? 342  ASP A C   1 
ATOM   121 O  O   . ASP A 1 17 ? 3.556   2.072   8.328   1.00 19.89 ? 342  ASP A O   1 
ATOM   122 C  CB  . ASP A 1 17 ? 2.191   -0.357  9.134   1.00 25.67 ? 342  ASP A CB  1 
ATOM   123 C  CG  . ASP A 1 17 ? 1.668   -1.496  9.995   1.00 33.58 ? 342  ASP A CG  1 
ATOM   124 O  OD1 . ASP A 1 17 ? 2.505   -2.248  10.541  1.00 32.93 ? 342  ASP A OD1 1 
ATOM   125 O  OD2 . ASP A 1 17 ? 0.389   -1.618  10.139  1.00 32.06 ? 342  ASP A OD2 1 
ATOM   126 N  N   . ALA A 1 18 ? 4.750   0.612   7.137   1.00 20.49 ? 343  ALA A N   1 
ATOM   127 C  CA  . ALA A 1 18 ? 5.082   1.578   6.102   1.00 22.76 ? 343  ALA A CA  1 
ATOM   128 C  C   . ALA A 1 18 ? 5.122   0.930   4.729   1.00 22.14 ? 343  ALA A C   1 
ATOM   129 O  O   . ALA A 1 18 ? 5.358   -0.270  4.592   1.00 21.47 ? 343  ALA A O   1 
ATOM   130 C  CB  . ALA A 1 18 ? 6.416   2.173   6.355   1.00 23.49 ? 343  ALA A CB  1 
ATOM   131 N  N   . ILE A 1 19 ? 4.808   1.745   3.746   1.00 20.10 ? 344  ILE A N   1 
ATOM   132 C  CA  . ILE A 1 19 ? 4.740   1.266   2.349   1.00 20.37 ? 344  ILE A CA  1 
ATOM   133 C  C   . ILE A 1 19 ? 5.546   2.222   1.466   1.00 20.11 ? 344  ILE A C   1 
ATOM   134 O  O   . ILE A 1 19 ? 5.568   3.413   1.645   1.00 18.54 ? 344  ILE A O   1 
ATOM   135 C  CB  . ILE A 1 19 ? 3.268   1.038   1.943   1.00 23.84 ? 344  ILE A CB  1 
ATOM   136 C  CG1 . ILE A 1 19 ? 3.194   0.402   0.569   1.00 31.12 ? 344  ILE A CG1 1 
ATOM   137 C  CG2 . ILE A 1 19 ? 2.496   2.314   1.983   1.00 24.36 ? 344  ILE A CG2 1 
ATOM   138 C  CD1 . ILE A 1 19 ? 2.250   -0.751  0.594   1.00 33.87 ? 344  ILE A CD1 1 
ATOM   139 N  N   . LEU A 1 20 ? 6.247   1.651   0.480   1.00 20.00 ? 345  LEU A N   1 
ATOM   140 C  CA  . LEU A 1 20 ? 7.036   2.410   -0.470  1.00 20.58 ? 345  LEU A CA  1 
ATOM   141 C  C   . LEU A 1 20 ? 6.281   2.636   -1.815  1.00 20.62 ? 345  LEU A C   1 
ATOM   142 O  O   . LEU A 1 20 ? 5.691   1.675   -2.407  1.00 21.33 ? 345  LEU A O   1 
ATOM   143 C  CB  . LEU A 1 20 ? 8.232   1.523   -0.811  1.00 22.60 ? 345  LEU A CB  1 
ATOM   144 C  CG  . LEU A 1 20 ? 9.201   2.132   -1.821  1.00 23.88 ? 345  LEU A CG  1 
ATOM   145 C  CD1 . LEU A 1 20 ? 9.839   3.376   -1.338  1.00 20.75 ? 345  LEU A CD1 1 
ATOM   146 C  CD2 . LEU A 1 20 ? 10.261  1.066   -2.138  1.00 27.67 ? 345  LEU A CD2 1 
ATOM   147 N  N   . CYS A 1 21 ? 6.274   3.884   -2.271  1.00 20.86 ? 346  CYS A N   1 
ATOM   148 C  CA  . CYS A 1 21 ? 5.709   4.232   -3.540  1.00 20.21 ? 346  CYS A CA  1 
ATOM   149 C  C   . CYS A 1 21 ? 6.667   3.785   -4.665  1.00 25.11 ? 346  CYS A C   1 
ATOM   150 O  O   . CYS A 1 21 ? 7.583   4.494   -5.025  1.00 27.09 ? 346  CYS A O   1 
ATOM   151 C  CB  . CYS A 1 21 ? 5.371   5.679   -3.691  1.00 19.55 ? 346  CYS A CB  1 
ATOM   152 S  SG  . CYS A 1 21 ? 4.637   6.088   -5.310  1.00 22.30 ? 346  CYS A SG  1 
ATOM   153 N  N   . GLU A 1 22 ? 6.537   2.558   -5.076  1.00 26.23 ? 347  GLU A N   1 
ATOM   154 C  CA  . GLU A 1 22 ? 7.404   2.010   -6.109  1.00 32.17 ? 347  GLU A CA  1 
ATOM   155 C  C   . GLU A 1 22 ? 6.876   2.308   -7.439  1.00 33.94 ? 347  GLU A C   1 
ATOM   156 O  O   . GLU A 1 22 ? 7.522   1.990   -8.426  1.00 46.43 ? 347  GLU A O   1 
ATOM   157 C  CB  . GLU A 1 22 ? 7.471   0.517   -6.027  1.00 31.02 ? 347  GLU A CB  1 
ATOM   158 C  CG  . GLU A 1 22 ? 8.185   0.069   -4.805  1.00 32.61 ? 347  GLU A CG  1 
ATOM   159 C  CD  . GLU A 1 22 ? 8.312   -1.430  -4.716  1.00 38.00 ? 347  GLU A CD  1 
ATOM   160 O  OE1 . GLU A 1 22 ? 9.310   -1.965  -5.296  1.00 47.51 ? 347  GLU A OE1 1 
ATOM   161 O  OE2 . GLU A 1 22 ? 7.452   -2.078  -4.044  1.00 34.45 ? 347  GLU A OE2 1 
ATOM   162 N  N   . ALA A 1 23 ? 5.683   2.860   -7.527  1.00 37.95 ? 348  ALA A N   1 
ATOM   163 C  CA  . ALA A 1 23 ? 5.147   3.222   -8.832  1.00 47.52 ? 348  ALA A CA  1 
ATOM   164 C  C   . ALA A 1 23 ? 6.002   4.313   -9.396  1.00 54.23 ? 348  ALA A C   1 
ATOM   165 O  O   . ALA A 1 23 ? 6.240   4.381   -10.622 1.00 61.55 ? 348  ALA A O   1 
ATOM   166 C  CB  . ALA A 1 23 ? 3.696   3.686   -8.737  1.00 47.99 ? 348  ALA A CB  1 
ATOM   167 N  N   . SER A 1 24 ? 6.551   5.156   -8.527  1.00 46.56 ? 349  SER A N   1 
ATOM   168 C  CA  . SER A 1 24 ? 7.309   6.266   -9.039  1.00 42.13 ? 349  SER A CA  1 
ATOM   169 C  C   . SER A 1 24 ? 8.219   7.019   -8.082  1.00 43.47 ? 349  SER A C   1 
ATOM   170 O  O   . SER A 1 24 ? 9.426   6.970   -8.273  1.00 39.68 ? 349  SER A O   1 
ATOM   171 C  CB  . SER A 1 24 ? 6.370   7.288   -9.653  1.00 45.48 ? 349  SER A CB  1 
ATOM   172 O  OG  . SER A 1 24 ? 7.130   8.398   -10.168 1.00 54.33 ? 349  SER A OG  1 
ATOM   173 N  N   . CYS A 1 25 ? 7.652   7.763   -7.096  1.00 36.69 ? 350  CYS A N   1 
ATOM   174 C  CA  . CYS A 1 25 ? 8.451   8.748   -6.355  1.00 31.86 ? 350  CYS A CA  1 
ATOM   175 C  C   . CYS A 1 25 ? 9.464   8.124   -5.384  1.00 26.23 ? 350  CYS A C   1 
ATOM   176 O  O   . CYS A 1 25 ? 10.389  8.818   -4.884  1.00 29.02 ? 350  CYS A O   1 
ATOM   177 C  CB  . CYS A 1 25 ? 7.546   9.753   -5.635  1.00 31.70 ? 350  CYS A CB  1 
ATOM   178 S  SG  . CYS A 1 25 ? 6.625   9.022   -4.191  1.00 24.74 ? 350  CYS A SG  1 
ATOM   179 N  N   . GLN A 1 26 ? 9.279   6.842   -5.114  1.00 26.24 ? 351  GLN A N   1 
ATOM   180 C  CA  . GLN A 1 26 ? 10.130  6.056   -4.306  1.00 26.25 ? 351  GLN A CA  1 
ATOM   181 C  C   . GLN A 1 26 ? 10.247  6.667   -2.895  1.00 25.95 ? 351  GLN A C   1 
ATOM   182 O  O   . GLN A 1 26 ? 11.337  6.531   -2.246  1.00 24.46 ? 351  GLN A O   1 
ATOM   183 C  CB  . GLN A 1 26 ? 11.564  5.992   -4.909  1.00 35.33 ? 351  GLN A CB  1 
ATOM   184 C  CG  . GLN A 1 26 ? 11.601  5.399   -6.325  1.00 33.45 ? 351  GLN A CG  1 
ATOM   185 C  CD  . GLN A 1 26 ? 10.929  4.039   -6.386  1.00 35.22 ? 351  GLN A CD  1 
ATOM   186 O  OE1 . GLN A 1 26 ? 10.118  3.783   -7.281  1.00 44.40 ? 351  GLN A OE1 1 
ATOM   187 N  NE2 . GLN A 1 26 ? 11.248  3.174   -5.440  1.00 38.70 ? 351  GLN A NE2 1 
ATOM   188 N  N   . LYS A 1 27 ? 9.158   7.306   -2.439  1.00 22.54 ? 352  LYS A N   1 
ATOM   189 C  CA  . LYS A 1 27 ? 9.036   7.738   -1.026  1.00 21.61 ? 352  LYS A CA  1 
ATOM   190 C  C   . LYS A 1 27 ? 8.297   6.734   -0.177  1.00 19.39 ? 352  LYS A C   1 
ATOM   191 O  O   . LYS A 1 27 ? 7.404   6.050   -0.695  1.00 21.53 ? 352  LYS A O   1 
ATOM   192 C  CB  . LYS A 1 27 ? 8.307   9.054   -0.917  1.00 22.42 ? 352  LYS A CB  1 
ATOM   193 C  CG  . LYS A 1 27 ? 9.162   10.174  -1.474  1.00 27.34 ? 352  LYS A CG  1 
ATOM   194 C  CD  . LYS A 1 27 ? 8.460   11.478  -1.627  1.00 30.87 ? 352  LYS A CD  1 
ATOM   195 C  CE  . LYS A 1 27 ? 9.440   12.411  -2.354  1.00 39.53 ? 352  LYS A CE  1 
ATOM   196 N  NZ  . LYS A 1 27 ? 9.195   13.824  -2.000  1.00 48.05 ? 352  LYS A NZ  1 
ATOM   197 N  N   . TRP A 1 28 ? 8.692   6.639   1.100   1.00 18.63 ? 353  TRP A N   1 
ATOM   198 C  CA  . TRP A 1 28 ? 8.099   5.703   2.095   1.00 18.77 ? 353  TRP A CA  1 
ATOM   199 C  C   . TRP A 1 28 ? 6.987   6.511   2.727   1.00 17.22 ? 353  TRP A C   1 
ATOM   200 O  O   . TRP A 1 28 ? 7.112   7.734   2.957   1.00 17.44 ? 353  TRP A O   1 
ATOM   201 C  CB  . TRP A 1 28 ? 9.096   5.287   3.173   1.00 18.15 ? 353  TRP A CB  1 
ATOM   202 C  CG  . TRP A 1 28 ? 9.981   4.207   2.734   1.00 21.43 ? 353  TRP A CG  1 
ATOM   203 C  CD1 . TRP A 1 28 ? 11.238  4.352   2.119   1.00 24.53 ? 353  TRP A CD1 1 
ATOM   204 C  CD2 . TRP A 1 28 ? 9.680   2.822   2.716   1.00 21.96 ? 353  TRP A CD2 1 
ATOM   205 N  NE1 . TRP A 1 28 ? 11.736  3.110   1.826   1.00 24.73 ? 353  TRP A NE1 1 
ATOM   206 C  CE2 . TRP A 1 28 ? 10.814  2.160   2.159   1.00 28.22 ? 353  TRP A CE2 1 
ATOM   207 C  CE3 . TRP A 1 28 ? 8.607   2.056   3.181   1.00 22.62 ? 353  TRP A CE3 1 
ATOM   208 C  CZ2 . TRP A 1 28 ? 10.865  0.795   2.015   1.00 27.09 ? 353  TRP A CZ2 1 
ATOM   209 C  CZ3 . TRP A 1 28 ? 8.649   0.660   3.022   1.00 24.77 ? 353  TRP A CZ3 1 
ATOM   210 C  CH2 . TRP A 1 28 ? 9.802   0.047   2.472   1.00 27.77 ? 353  TRP A CH2 1 
ATOM   211 N  N   . PHE A 1 29 ? 5.899   5.786   3.088   1.00 17.40 ? 354  PHE A N   1 
ATOM   212 C  CA  . PHE A 1 29 ? 4.801   6.433   3.750   1.00 17.21 ? 354  PHE A CA  1 
ATOM   213 C  C   . PHE A 1 29 ? 4.365   5.573   4.966   1.00 19.13 ? 354  PHE A C   1 
ATOM   214 O  O   . PHE A 1 29 ? 4.344   4.320   4.899   1.00 18.09 ? 354  PHE A O   1 
ATOM   215 C  CB  . PHE A 1 29 ? 3.568   6.497   2.819   1.00 15.64 ? 354  PHE A CB  1 
ATOM   216 C  CG  . PHE A 1 29 ? 3.659   7.517   1.718   1.00 15.53 ? 354  PHE A CG  1 
ATOM   217 C  CD1 . PHE A 1 29 ? 4.508   7.305   0.667   1.00 18.45 ? 354  PHE A CD1 1 
ATOM   218 C  CD2 . PHE A 1 29 ? 2.816   8.607   1.709   1.00 17.49 ? 354  PHE A CD2 1 
ATOM   219 C  CE1 . PHE A 1 29 ? 4.581   8.228   -0.364  1.00 20.84 ? 354  PHE A CE1 1 
ATOM   220 C  CE2 . PHE A 1 29 ? 2.886   9.544   0.702   1.00 20.06 ? 354  PHE A CE2 1 
ATOM   221 C  CZ  . PHE A 1 29 ? 3.778   9.289   -0.362  1.00 20.77 ? 354  PHE A CZ  1 
ATOM   222 N  N   . HIS A 1 30 ? 3.936   6.206   6.057   1.00 17.12 ? 355  HIS A N   1 
ATOM   223 C  CA  . HIS A 1 30 ? 3.257   5.406   7.074   1.00 16.19 ? 355  HIS A CA  1 
ATOM   224 C  C   . HIS A 1 30 ? 2.017   4.859   6.535   1.00 14.31 ? 355  HIS A C   1 
ATOM   225 O  O   . HIS A 1 30 ? 1.244   5.595   5.974   1.00 15.90 ? 355  HIS A O   1 
ATOM   226 C  CB  . HIS A 1 30 ? 2.869   6.322   8.275   1.00 16.51 ? 355  HIS A CB  1 
ATOM   227 C  CG  . HIS A 1 30 ? 4.032   6.924   8.973   1.00 16.47 ? 355  HIS A CG  1 
ATOM   228 N  ND1 . HIS A 1 30 ? 4.284   8.288   8.958   1.00 17.82 ? 355  HIS A ND1 1 
ATOM   229 C  CD2 . HIS A 1 30 ? 4.967   6.362   9.784   1.00 19.91 ? 355  HIS A CD2 1 
ATOM   230 C  CE1 . HIS A 1 30 ? 5.347   8.518   9.749   1.00 15.31 ? 355  HIS A CE1 1 
ATOM   231 N  NE2 . HIS A 1 30 ? 5.790   7.376   10.220  1.00 19.60 ? 355  HIS A NE2 1 
ATOM   232 N  N   . ARG A 1 31 ? 1.714   3.574   6.786   1.00 14.64 ? 356  ARG A N   1 
ATOM   233 C  CA  . ARG A 1 31 ? 0.463   3.017   6.368   1.00 16.57 ? 356  ARG A CA  1 
ATOM   234 C  C   . ARG A 1 31 ? -0.729  3.890   6.866   1.00 15.05 ? 356  ARG A C   1 
ATOM   235 O  O   . ARG A 1 31 ? -1.630  4.266   6.097   1.00 16.56 ? 356  ARG A O   1 
ATOM   236 C  CB  . ARG A 1 31 ? 0.300   1.592   6.907   1.00 15.27 ? 356  ARG A CB  1 
ATOM   237 C  CG  . ARG A 1 31 ? -1.064  0.982   6.541   1.00 17.48 ? 356  ARG A CG  1 
ATOM   238 C  CD  . ARG A 1 31 ? -1.394  -0.243  7.376   1.00 18.67 ? 356  ARG A CD  1 
ATOM   239 N  NE  . ARG A 1 31 ? -1.561  -0.034  8.793   1.00 19.20 ? 356  ARG A NE  1 
ATOM   240 C  CZ  . ARG A 1 31 ? -2.623  0.521   9.318   1.00 18.63 ? 356  ARG A CZ  1 
ATOM   241 N  NH1 . ARG A 1 31 ? -3.677  0.895   8.601   1.00 19.72 ? 356  ARG A NH1 1 
ATOM   242 N  NH2 . ARG A 1 31 ? -2.675  0.695   10.648  1.00 22.86 ? 356  ARG A NH2 1 
ATOM   243 N  N   . GLU A 1 32 ? -0.711  4.316   8.135   1.00 18.93 ? 357  GLU A N   1 
ATOM   244 C  CA  . GLU A 1 32 ? -1.847  5.117   8.658   1.00 23.27 ? 357  GLU A CA  1 
ATOM   245 C  C   . GLU A 1 32 ? -1.981  6.490   8.027   1.00 23.88 ? 357  GLU A C   1 
ATOM   246 O  O   . GLU A 1 32 ? -3.072  7.012   7.926   1.00 33.19 ? 357  GLU A O   1 
ATOM   247 C  CB  . GLU A 1 32 ? -1.711  5.307   10.170  1.00 29.13 ? 357  GLU A CB  1 
ATOM   248 C  CG  . GLU A 1 32 ? -1.856  3.978   10.946  1.00 36.81 ? 357  GLU A CG  1 
ATOM   249 C  CD  . GLU A 1 32 ? -1.567  4.105   12.465  1.00 49.12 ? 357  GLU A CD  1 
ATOM   250 O  OE1 . GLU A 1 32 ? -1.413  5.252   12.972  1.00 62.17 ? 357  GLU A OE1 1 
ATOM   251 O  OE2 . GLU A 1 32 ? -1.478  3.061   13.162  1.00 56.73 ? 357  GLU A OE2 1 
ATOM   252 N  N   . CYS A 1 33 ? -0.914  7.057   7.464   1.00 18.67 ? 358  CYS A N   1 
ATOM   253 C  CA  . CYS A 1 33 ? -1.118  8.278   6.731   1.00 17.52 ? 358  CYS A CA  1 
ATOM   254 C  C   . CYS A 1 33 ? -1.782  8.200   5.347   1.00 20.84 ? 358  CYS A C   1 
ATOM   255 O  O   . CYS A 1 33 ? -2.120  9.193   4.658   1.00 24.62 ? 358  CYS A O   1 
ATOM   256 C  CB  . CYS A 1 33 ? 0.288   8.915   6.616   1.00 18.63 ? 358  CYS A CB  1 
ATOM   257 S  SG  . CYS A 1 33 ? 0.940   9.521   8.223   1.00 20.18 ? 358  CYS A SG  1 
ATOM   258 N  N   . THR A 1 34 ? -1.867  7.007   4.827   1.00 18.13 ? 359  THR A N   1 
ATOM   259 C  CA  . THR A 1 34 ? -2.358  6.805   3.497   1.00 17.77 ? 359  THR A CA  1 
ATOM   260 C  C   . THR A 1 34 ? -3.827  6.480   3.475   1.00 20.82 ? 359  THR A C   1 
ATOM   261 O  O   . THR A 1 34 ? -4.464  6.601   2.452   1.00 20.54 ? 359  THR A O   1 
ATOM   262 C  CB  . THR A 1 34 ? -1.679  5.649   2.776   1.00 19.04 ? 359  THR A CB  1 
ATOM   263 O  OG1 . THR A 1 34 ? -1.961  4.403   3.445   1.00 20.41 ? 359  THR A OG1 1 
ATOM   264 C  CG2 . THR A 1 34 ? -0.080  5.938   2.752   1.00 22.89 ? 359  THR A CG2 1 
ATOM   265 N  N   . GLY A 1 35 ? -4.367  5.991   4.601   1.00 17.68 ? 360  GLY A N   1 
ATOM   266 C  CA  . GLY A 1 35 ? -5.687  5.436   4.619   1.00 17.51 ? 360  GLY A CA  1 
ATOM   267 C  C   . GLY A 1 35 ? -5.842  4.010   4.209   1.00 15.15 ? 360  GLY A C   1 
ATOM   268 O  O   . GLY A 1 35 ? -6.938  3.468   4.282   1.00 17.84 ? 360  GLY A O   1 
ATOM   269 N  N   . MET A 1 36 ? -4.724  3.340   3.944   1.00 14.95 ? 361  MET A N   1 
ATOM   270 C  CA  . MET A 1 36 ? -4.721  1.933   3.629   1.00 14.33 ? 361  MET A CA  1 
ATOM   271 C  C   . MET A 1 36 ? -5.176  1.116   4.904   1.00 14.81 ? 361  MET A C   1 
ATOM   272 O  O   . MET A 1 36 ? -4.670  1.333   5.995   1.00 14.81 ? 361  MET A O   1 
ATOM   273 C  CB  . MET A 1 36 ? -3.329  1.515   3.226   1.00 16.77 ? 361  MET A CB  1 
ATOM   274 C  CG  . MET A 1 36 ? -3.314  0.102   2.731   1.00 16.31 ? 361  MET A CG  1 
ATOM   275 S  SD  . MET A 1 36 ? -1.680  -0.363  2.079   1.00 21.68 ? 361  MET A SD  1 
ATOM   276 C  CE  . MET A 1 36 ? -1.611  0.825   0.653   1.00 22.22 ? 361  MET A CE  1 
ATOM   277 N  N   . THR A 1 37 ? -6.044  0.131   4.718   1.00 15.05 ? 362  THR A N   1 
ATOM   278 C  CA  . THR A 1 37 ? -6.429  -0.762  5.781   1.00 16.29 ? 362  THR A CA  1 
ATOM   279 C  C   . THR A 1 37 ? -5.288  -1.702  6.152   1.00 15.32 ? 362  THR A C   1 
ATOM   280 O  O   . THR A 1 37 ? -4.345  -1.881  5.356   1.00 14.88 ? 362  THR A O   1 
ATOM   281 C  CB  . THR A 1 37 ? -7.692  -1.577  5.441   1.00 16.92 ? 362  THR A CB  1 
ATOM   282 O  OG1 . THR A 1 37 ? -7.363  -2.372  4.275   1.00 16.02 ? 362  THR A OG1 1 
ATOM   283 C  CG2 . THR A 1 37 ? -8.895  -0.741  5.128   1.00 17.47 ? 362  THR A CG2 1 
ATOM   284 N  N   . GLU A 1 38 ? -5.398  -2.268  7.359   1.00 16.44 ? 363  GLU A N   1 
ATOM   285 C  CA  . GLU A 1 38 ? -4.465  -3.260  7.842   1.00 18.22 ? 363  GLU A CA  1 
ATOM   286 C  C   . GLU A 1 38 ? -4.575  -4.489  6.894   1.00 15.76 ? 363  GLU A C   1 
ATOM   287 O  O   . GLU A 1 38 ? -3.540  -5.075  6.514   1.00 18.56 ? 363  GLU A O   1 
ATOM   288 C  CB  . GLU A 1 38 ? -4.756  -3.648  9.318   1.00 19.97 ? 363  GLU A CB  1 
ATOM   289 C  CG  . GLU A 1 38 ? -4.410  -2.467  10.216  1.00 26.07 ? 363  GLU A CG  1 
ATOM   290 C  CD  . GLU A 1 38 ? -4.798  -2.723  11.646  1.00 33.27 ? 363  GLU A CD  1 
ATOM   291 O  OE1 . GLU A 1 38 ? -4.053  -3.523  12.210  1.00 34.35 ? 363  GLU A OE1 1 
ATOM   292 O  OE2 . GLU A 1 38 ? -5.777  -2.108  12.154  1.00 34.74 ? 363  GLU A OE2 1 
ATOM   293 N  N   . SER A 1 39 ? -5.794  -4.759  6.383   1.00 17.13 ? 364  SER A N   1 
ATOM   294 C  CA  . SER A 1 39 ? -6.019  -5.909  5.535   1.00 20.38 ? 364  SER A CA  1 
ATOM   295 C  C   . SER A 1 39 ? -5.311  -5.773  4.198   1.00 19.22 ? 364  SER A C   1 
ATOM   296 O  O   . SER A 1 39 ? -4.546  -6.595  3.733   1.00 21.31 ? 364  SER A O   1 
ATOM   297 C  CB  . SER A 1 39 ? -7.561  -5.934  5.220   1.00 22.73 ? 364  SER A CB  1 
ATOM   298 O  OG  . SER A 1 39 ? -8.226  -5.912  6.503   1.00 33.32 ? 364  SER A OG  1 
ATOM   299 N  N   . ALA A 1 40 ? -5.514  -4.614  3.562   1.00 18.58 ? 365  ALA A N   1 
ATOM   300 C  CA  . ALA A 1 40 ? -4.821  -4.294  2.322   1.00 18.48 ? 365  ALA A CA  1 
ATOM   301 C  C   . ALA A 1 40 ? -3.323  -4.268  2.426   1.00 19.14 ? 365  ALA A C   1 
ATOM   302 O  O   . ALA A 1 40 ? -2.614  -4.706  1.524   1.00 19.21 ? 365  ALA A O   1 
ATOM   303 C  CB  . ALA A 1 40 ? -5.303  -2.966  1.713   1.00 20.62 ? 365  ALA A CB  1 
ATOM   304 N  N   . TYR A 1 41 ? -2.800  -3.696  3.506   1.00 18.01 ? 366  TYR A N   1 
ATOM   305 C  CA  . TYR A 1 41 ? -1.361  -3.687  3.724   1.00 16.72 ? 366  TYR A CA  1 
ATOM   306 C  C   . TYR A 1 41 ? -0.808  -5.114  3.759   1.00 20.34 ? 366  TYR A C   1 
ATOM   307 O  O   . TYR A 1 41 ? 0.181   -5.412  3.127   1.00 21.31 ? 366  TYR A O   1 
ATOM   308 C  CB  . TYR A 1 41 ? -1.115  -2.926  5.045   1.00 19.67 ? 366  TYR A CB  1 
ATOM   309 C  CG  . TYR A 1 41 ? 0.360   -2.882  5.449   1.00 20.89 ? 366  TYR A CG  1 
ATOM   310 C  CD1 . TYR A 1 41 ? 1.128   -1.912  4.918   1.00 21.39 ? 366  TYR A CD1 1 
ATOM   311 C  CD2 . TYR A 1 41 ? 0.864   -3.777  6.342   1.00 25.49 ? 366  TYR A CD2 1 
ATOM   312 C  CE1 . TYR A 1 41 ? 2.468   -1.815  5.238   1.00 24.28 ? 366  TYR A CE1 1 
ATOM   313 C  CE2 . TYR A 1 41 ? 2.227   -3.718  6.668   1.00 26.19 ? 366  TYR A CE2 1 
ATOM   314 C  CZ  . TYR A 1 41 ? 2.973   -2.728  6.079   1.00 25.70 ? 366  TYR A CZ  1 
ATOM   315 O  OH  . TYR A 1 41 ? 4.305   -2.605  6.453   1.00 37.46 ? 366  TYR A OH  1 
ATOM   316 N  N   . GLY A 1 42 ? -1.473  -5.990  4.478   1.00 18.96 ? 367  GLY A N   1 
ATOM   317 C  CA  . GLY A 1 42 ? -1.030  -7.374  4.575   1.00 18.33 ? 367  GLY A CA  1 
ATOM   318 C  C   . GLY A 1 42 ? -1.039  -8.052  3.259   1.00 20.45 ? 367  GLY A C   1 
ATOM   319 O  O   . GLY A 1 42 ? -0.070  -8.719  2.911   1.00 24.66 ? 367  GLY A O   1 
ATOM   320 N  N   . LEU A 1 43 ? -2.111  -7.885  2.497   1.00 19.85 ? 368  LEU A N   1 
ATOM   321 C  CA  . LEU A 1 43 ? -2.190  -8.484  1.167   1.00 20.65 ? 368  LEU A CA  1 
ATOM   322 C  C   . LEU A 1 43 ? -1.291  -7.890  0.110   1.00 25.26 ? 368  LEU A C   1 
ATOM   323 O  O   . LEU A 1 43 ? -0.797  -8.559  -0.807  1.00 28.05 ? 368  LEU A O   1 
ATOM   324 C  CB  . LEU A 1 43 ? -3.634  -8.557  0.676   1.00 21.04 ? 368  LEU A CB  1 
ATOM   325 C  CG  . LEU A 1 43 ? -4.633  -9.409  1.492   1.00 23.86 ? 368  LEU A CG  1 
ATOM   326 C  CD1 . LEU A 1 43 ? -6.005  -9.173  0.979   1.00 23.57 ? 368  LEU A CD1 1 
ATOM   327 C  CD2 . LEU A 1 43 ? -4.354  -10.917 1.305   1.00 28.55 ? 368  LEU A CD2 1 
ATOM   328 N  N   . LEU A 1 44 ? -1.118  -6.585  0.181   1.00 21.44 ? 369  LEU A N   1 
ATOM   329 C  CA  . LEU A 1 44 ? -0.327  -5.892  -0.847  1.00 23.74 ? 369  LEU A CA  1 
ATOM   330 C  C   . LEU A 1 44 ? 1.125   -6.178  -0.639  1.00 25.52 ? 369  LEU A C   1 
ATOM   331 O  O   . LEU A 1 44 ? 1.874   -6.392  -1.612  1.00 30.67 ? 369  LEU A O   1 
ATOM   332 C  CB  . LEU A 1 44 ? -0.667  -4.377  -0.839  1.00 27.40 ? 369  LEU A CB  1 
ATOM   333 C  CG  . LEU A 1 44 ? -0.057  -3.442  -1.820  1.00 33.71 ? 369  LEU A CG  1 
ATOM   334 C  CD1 . LEU A 1 44 ? -0.448  -3.833  -3.202  1.00 33.07 ? 369  LEU A CD1 1 
ATOM   335 C  CD2 . LEU A 1 44 ? -0.555  -2.013  -1.522  1.00 36.01 ? 369  LEU A CD2 1 
ATOM   336 N  N   . THR A 1 45 ? 1.572   -6.223  0.600   1.00 24.24 ? 370  THR A N   1 
ATOM   337 C  CA  . THR A 1 45 ? 2.990   -6.245  0.873   1.00 28.25 ? 370  THR A CA  1 
ATOM   338 C  C   . THR A 1 45 ? 3.566   -7.661  0.675   1.00 32.12 ? 370  THR A C   1 
ATOM   339 O  O   . THR A 1 45 ? 4.766   -7.783  0.504   1.00 36.42 ? 370  THR A O   1 
ATOM   340 C  CB  . THR A 1 45 ? 3.389   -5.699  2.272   1.00 31.56 ? 370  THR A CB  1 
ATOM   341 O  OG1 . THR A 1 45 ? 2.755   -6.439  3.341   1.00 29.90 ? 370  THR A OG1 1 
ATOM   342 C  CG2 . THR A 1 45 ? 3.085   -4.181  2.352   1.00 30.23 ? 370  THR A CG2 1 
ATOM   343 N  N   . THR A 1 46 ? 2.703   -8.660  0.724   1.00 35.44 ? 371  THR A N   1 
ATOM   344 C  CA  . THR A 1 46 ? 3.077   -10.085 0.522   1.00 41.85 ? 371  THR A CA  1 
ATOM   345 C  C   . THR A 1 46 ? 3.079   -10.455 -0.979  1.00 51.22 ? 371  THR A C   1 
ATOM   346 O  O   . THR A 1 46 ? 3.669   -11.469 -1.376  1.00 54.36 ? 371  THR A O   1 
ATOM   347 C  CB  . THR A 1 46 ? 2.208   -11.114 1.350   1.00 42.24 ? 371  THR A CB  1 
ATOM   348 O  OG1 . THR A 1 46 ? 0.798   -10.877 1.284   1.00 42.64 ? 371  THR A OG1 1 
ATOM   349 C  CG2 . THR A 1 46 ? 2.590   -11.078 2.860   1.00 43.99 ? 371  THR A CG2 1 
ATOM   350 N  N   . GLU A 1 47 ? 2.463   -9.612  -1.805  1.00 43.28 ? 372  GLU A N   1 
ATOM   351 C  CA  . GLU A 1 47 ? 2.245   -9.898  -3.221  1.00 46.62 ? 372  GLU A CA  1 
ATOM   352 C  C   . GLU A 1 47 ? 3.366   -9.259  -4.052  1.00 44.08 ? 372  GLU A C   1 
ATOM   353 O  O   . GLU A 1 47 ? 3.269   -8.132  -4.496  1.00 46.29 ? 372  GLU A O   1 
ATOM   354 C  CB  . GLU A 1 47 ? 0.851   -9.422  -3.676  1.00 40.99 ? 372  GLU A CB  1 
ATOM   355 C  CG  . GLU A 1 47 ? 0.567   -9.634  -5.164  1.00 44.64 ? 372  GLU A CG  1 
ATOM   356 C  CD  . GLU A 1 47 ? 0.793   -11.096 -5.589  1.00 51.09 ? 372  GLU A CD  1 
ATOM   357 O  OE1 . GLU A 1 47 ? -0.099  -11.919 -5.281  1.00 60.65 ? 372  GLU A OE1 1 
ATOM   358 O  OE2 . GLU A 1 47 ? 1.837   -11.412 -6.235  1.00 53.82 ? 372  GLU A OE2 1 
ATOM   359 N  N   . ALA A 1 48 ? 4.412   -10.049 -4.274  1.00 45.76 ? 373  ALA A N   1 
ATOM   360 C  CA  . ALA A 1 48 ? 5.600   -9.662  -5.003  1.00 49.63 ? 373  ALA A CA  1 
ATOM   361 C  C   . ALA A 1 48 ? 5.323   -8.974  -6.339  1.00 47.10 ? 373  ALA A C   1 
ATOM   362 O  O   . ALA A 1 48 ? 6.099   -8.112  -6.762  1.00 52.79 ? 373  ALA A O   1 
ATOM   363 C  CB  . ALA A 1 48 ? 6.449   -10.909 -5.261  1.00 49.97 ? 373  ALA A CB  1 
ATOM   364 N  N   . SER A 1 49 ? 4.243   -9.347  -7.011  1.00 41.18 ? 374  SER A N   1 
ATOM   365 C  CA  . SER A 1 49 ? 3.952   -8.727  -8.285  1.00 45.69 ? 374  SER A CA  1 
ATOM   366 C  C   . SER A 1 49 ? 3.330   -7.357  -8.197  1.00 44.62 ? 374  SER A C   1 
ATOM   367 O  O   . SER A 1 49 ? 3.317   -6.620  -9.160  1.00 44.07 ? 374  SER A O   1 
ATOM   368 C  CB  . SER A 1 49 ? 3.063   -9.630  -9.123  1.00 52.32 ? 374  SER A CB  1 
ATOM   369 O  OG  . SER A 1 49 ? 3.822   -10.776 -9.446  1.00 62.29 ? 374  SER A OG  1 
ATOM   370 N  N   . ALA A 1 50 ? 2.829   -6.986  -7.032  1.00 42.46 ? 375  ALA A N   1 
ATOM   371 C  CA  . ALA A 1 50 ? 2.076   -5.752  -6.952  1.00 32.65 ? 375  ALA A CA  1 
ATOM   372 C  C   . ALA A 1 50 ? 2.936   -4.650  -6.400  1.00 32.09 ? 375  ALA A C   1 
ATOM   373 O  O   . ALA A 1 50 ? 3.822   -4.881  -5.599  1.00 35.60 ? 375  ALA A O   1 
ATOM   374 C  CB  . ALA A 1 50 ? 0.857   -5.969  -6.105  1.00 32.89 ? 375  ALA A CB  1 
ATOM   375 N  N   . VAL A 1 51 ? 2.693   -3.438  -6.859  1.00 29.17 ? 376  VAL A N   1 
ATOM   376 C  CA  . VAL A 1 51 ? 3.340   -2.270  -6.242  1.00 30.30 ? 376  VAL A CA  1 
ATOM   377 C  C   . VAL A 1 51 ? 2.274   -1.228  -5.927  1.00 26.92 ? 376  VAL A C   1 
ATOM   378 O  O   . VAL A 1 51 ? 1.159   -1.205  -6.492  1.00 24.91 ? 376  VAL A O   1 
ATOM   379 C  CB  . VAL A 1 51 ? 4.427   -1.648  -7.110  1.00 29.48 ? 376  VAL A CB  1 
ATOM   380 C  CG1 . VAL A 1 51 ? 5.626   -2.600  -7.229  1.00 35.09 ? 376  VAL A CG1 1 
ATOM   381 C  CG2 . VAL A 1 51 ? 3.907   -1.220  -8.466  1.00 29.73 ? 376  VAL A CG2 1 
ATOM   382 N  N   . TRP A 1 52 ? 2.677   -0.326  -5.045  1.00 23.85 ? 377  TRP A N   1 
ATOM   383 C  CA  . TRP A 1 52 ? 1.773   0.702   -4.575  1.00 21.12 ? 377  TRP A CA  1 
ATOM   384 C  C   . TRP A 1 52 ? 2.182   2.040   -5.170  1.00 20.86 ? 377  TRP A C   1 
ATOM   385 O  O   . TRP A 1 52 ? 3.377   2.280   -5.345  1.00 22.23 ? 377  TRP A O   1 
ATOM   386 C  CB  . TRP A 1 52 ? 1.816   0.710   -3.034  1.00 18.94 ? 377  TRP A CB  1 
ATOM   387 C  CG  . TRP A 1 52 ? 0.984   1.756   -2.464  1.00 20.26 ? 377  TRP A CG  1 
ATOM   388 C  CD1 . TRP A 1 52 ? -0.369  1.777   -2.396  1.00 20.10 ? 377  TRP A CD1 1 
ATOM   389 C  CD2 . TRP A 1 52 ? 1.446   2.940   -1.823  1.00 16.87 ? 377  TRP A CD2 1 
ATOM   390 N  NE1 . TRP A 1 52 ? -0.813  2.950   -1.813  1.00 19.13 ? 377  TRP A NE1 1 
ATOM   391 C  CE2 . TRP A 1 52 ? 0.297   3.676   -1.441  1.00 16.61 ? 377  TRP A CE2 1 
ATOM   392 C  CE3 . TRP A 1 52 ? 2.731   3.491   -1.555  1.00 17.90 ? 377  TRP A CE3 1 
ATOM   393 C  CZ2 . TRP A 1 52 ? 0.393   4.921   -0.769  1.00 16.58 ? 377  TRP A CZ2 1 
ATOM   394 C  CZ3 . TRP A 1 52 ? 2.817   4.683   -0.925  1.00 18.89 ? 377  TRP A CZ3 1 
ATOM   395 C  CH2 . TRP A 1 52 ? 1.649   5.416   -0.544  1.00 19.86 ? 377  TRP A CH2 1 
ATOM   396 N  N   . ALA A 1 53 ? 1.186   2.827   -5.531  1.00 20.79 ? 378  ALA A N   1 
ATOM   397 C  CA  . ALA A 1 53 ? 1.347   4.189   -5.969  1.00 20.68 ? 378  ALA A CA  1 
ATOM   398 C  C   . ALA A 1 53 ? 0.673   5.127   -5.004  1.00 20.95 ? 378  ALA A C   1 
ATOM   399 O  O   . ALA A 1 53 ? -0.513  4.939   -4.656  1.00 20.70 ? 378  ALA A O   1 
ATOM   400 C  CB  . ALA A 1 53 ? 0.714   4.340   -7.328  1.00 23.74 ? 378  ALA A CB  1 
ATOM   401 N  N   . CYS A 1 54 ? 1.403   6.159   -4.575  1.00 20.53 ? 379  CYS A N   1 
ATOM   402 C  CA  . CYS A 1 54 ? 0.837   7.192   -3.756  1.00 20.99 ? 379  CYS A CA  1 
ATOM   403 C  C   . CYS A 1 54 ? -0.076  8.109   -4.523  1.00 21.92 ? 379  CYS A C   1 
ATOM   404 O  O   . CYS A 1 54 ? -0.116  8.027   -5.777  1.00 24.48 ? 379  CYS A O   1 
ATOM   405 C  CB  . CYS A 1 54 ? 1.897   7.959   -2.988  1.00 23.40 ? 379  CYS A CB  1 
ATOM   406 S  SG  . CYS A 1 54 ? 2.696   9.221   -4.059  1.00 24.34 ? 379  CYS A SG  1 
ATOM   407 N  N   . ASP A 1 55 ? -0.860  8.897   -3.774  1.00 26.41 ? 380  ASP A N   1 
ATOM   408 C  CA  . ASP A 1 55 ? -1.879  9.799   -4.406  1.00 30.45 ? 380  ASP A CA  1 
ATOM   409 C  C   . ASP A 1 55 ? -1.271  10.805  -5.403  1.00 35.85 ? 380  ASP A C   1 
ATOM   410 O  O   . ASP A 1 55 ? -1.963  11.287  -6.289  1.00 36.83 ? 380  ASP A O   1 
ATOM   411 C  CB  . ASP A 1 55 ? -2.672  10.543  -3.343  1.00 38.13 ? 380  ASP A CB  1 
ATOM   412 C  CG  . ASP A 1 55 ? -3.694  9.657   -2.630  1.00 47.02 ? 380  ASP A CG  1 
ATOM   413 O  OD1 . ASP A 1 55 ? -4.019  8.472   -3.061  1.00 41.13 ? 380  ASP A OD1 1 
ATOM   414 O  OD2 . ASP A 1 55 ? -4.178  10.168  -1.605  1.00 51.44 ? 380  ASP A OD2 1 
ATOM   415 N  N   . LEU A 1 56 ? 0.026   11.081  -5.283  1.00 36.86 ? 381  LEU A N   1 
ATOM   416 C  CA  . LEU A 1 56 ? 0.697   11.950  -6.222  1.00 31.51 ? 381  LEU A CA  1 
ATOM   417 C  C   . LEU A 1 56 ? 1.190   11.235  -7.434  1.00 37.14 ? 381  LEU A C   1 
ATOM   418 O  O   . LEU A 1 56 ? 1.215   11.812  -8.485  1.00 38.52 ? 381  LEU A O   1 
ATOM   419 C  CB  . LEU A 1 56 ? 1.796   12.703  -5.503  1.00 35.08 ? 381  LEU A CB  1 
ATOM   420 C  CG  . LEU A 1 56 ? 1.294   13.609  -4.374  1.00 36.54 ? 381  LEU A CG  1 
ATOM   421 C  CD1 . LEU A 1 56 ? 2.482   14.431  -3.877  1.00 36.15 ? 381  LEU A CD1 1 
ATOM   422 C  CD2 . LEU A 1 56 ? 0.184   14.538  -4.865  1.00 37.89 ? 381  LEU A CD2 1 
ATOM   423 N  N   . CYS A 1 57 ? 1.485   9.950   -7.362  1.00 31.98 ? 382  CYS A N   1 
ATOM   424 C  CA  . CYS A 1 57 ? 2.051   9.266   -8.508  1.00 35.13 ? 382  CYS A CA  1 
ATOM   425 C  C   . CYS A 1 57 ? 0.980   8.559   -9.401  1.00 36.27 ? 382  CYS A C   1 
ATOM   426 O  O   . CYS A 1 57 ? -0.233  8.675   -9.134  1.00 50.17 ? 382  CYS A O   1 
ATOM   427 C  CB  . CYS A 1 57 ? 3.106   8.330   -8.020  1.00 34.28 ? 382  CYS A CB  1 
ATOM   428 S  SG  . CYS A 1 57 ? 4.496   9.275   -7.323  1.00 30.78 ? 382  CYS A SG  1 
ATOM   429 N  N   . VAL A 1 71 ? 4.175   -6.555  -13.517 1.00 50.85 ? 1235 VAL A N   1 
ATOM   430 C  CA  . VAL A 1 71 ? 4.008   -5.596  -12.328 1.00 48.22 ? 1235 VAL A CA  1 
ATOM   431 C  C   . VAL A 1 71 ? 2.677   -4.822  -12.351 1.00 43.74 ? 1235 VAL A C   1 
ATOM   432 O  O   . VAL A 1 71 ? 2.363   -4.126  -13.298 1.00 44.08 ? 1235 VAL A O   1 
ATOM   433 C  CB  . VAL A 1 71 ? 5.222   -4.621  -12.214 1.00 55.99 ? 1235 VAL A CB  1 
ATOM   434 C  CG1 . VAL A 1 71 ? 5.383   -3.788  -13.495 1.00 59.90 ? 1235 VAL A CG1 1 
ATOM   435 C  CG2 . VAL A 1 71 ? 5.120   -3.730  -10.969 1.00 49.35 ? 1235 VAL A CG2 1 
ATOM   436 N  N   . TYR A 1 72 ? 1.893   -4.959  -11.279 1.00 35.35 ? 1236 TYR A N   1 
ATOM   437 C  CA  . TYR A 1 72 ? 0.528   -4.490  -11.235 1.00 32.45 ? 1236 TYR A CA  1 
ATOM   438 C  C   . TYR A 1 72 ? 0.458   -3.399  -10.146 1.00 25.36 ? 1236 TYR A C   1 
ATOM   439 O  O   . TYR A 1 72 ? 0.905   -3.679  -9.029  1.00 27.56 ? 1236 TYR A O   1 
ATOM   440 C  CB  . TYR A 1 72 ? -0.360  -5.657  -10.779 1.00 38.62 ? 1236 TYR A CB  1 
ATOM   441 C  CG  . TYR A 1 72 ? -0.130  -6.949  -11.573 1.00 43.37 ? 1236 TYR A CG  1 
ATOM   442 C  CD1 . TYR A 1 72 ? 0.851   -7.867  -11.181 1.00 46.94 ? 1236 TYR A CD1 1 
ATOM   443 C  CD2 . TYR A 1 72 ? -0.874  -7.217  -12.720 1.00 49.12 ? 1236 TYR A CD2 1 
ATOM   444 C  CE1 . TYR A 1 72 ? 1.074   -9.046  -11.912 1.00 56.89 ? 1236 TYR A CE1 1 
ATOM   445 C  CE2 . TYR A 1 72 ? -0.660  -8.380  -13.451 1.00 47.78 ? 1236 TYR A CE2 1 
ATOM   446 C  CZ  . TYR A 1 72 ? 0.308   -9.292  -13.064 1.00 47.94 ? 1236 TYR A CZ  1 
ATOM   447 O  OH  . TYR A 1 72 ? 0.531   -10.492 -13.788 1.00 53.97 ? 1236 TYR A OH  1 
ATOM   448 N  N   . VAL A 1 73 ? -0.010  -2.225  -10.525 1.00 26.98 ? 1237 VAL A N   1 
ATOM   449 C  CA  . VAL A 1 73 ? -0.022  -1.004  -9.662  1.00 31.57 ? 1237 VAL A CA  1 
ATOM   450 C  C   . VAL A 1 73 ? -1.342  -0.815  -8.922  1.00 30.27 ? 1237 VAL A C   1 
ATOM   451 O  O   . VAL A 1 73 ? -2.448  -0.971  -9.480  1.00 32.41 ? 1237 VAL A O   1 
ATOM   452 C  CB  . VAL A 1 73 ? 0.360   0.295   -10.432 1.00 33.47 ? 1237 VAL A CB  1 
ATOM   453 C  CG1 . VAL A 1 73 ? 0.234   1.550   -9.561  1.00 34.63 ? 1237 VAL A CG1 1 
ATOM   454 C  CG2 . VAL A 1 73 ? 1.727   0.175   -11.121 1.00 35.80 ? 1237 VAL A CG2 1 
ATOM   455 N  N   . PHE A 1 74 ? -1.254  -0.536  -7.632  1.00 25.04 ? 1238 PHE A N   1 
ATOM   456 C  CA  . PHE A 1 74 ? -2.432  -0.212  -6.858  1.00 21.78 ? 1238 PHE A CA  1 
ATOM   457 C  C   . PHE A 1 74 ? -2.309  1.097   -6.147  1.00 19.16 ? 1238 PHE A C   1 
ATOM   458 O  O   . PHE A 1 74 ? -1.297  1.252   -5.543  1.00 23.11 ? 1238 PHE A O   1 
ATOM   459 C  CB  . PHE A 1 74 ? -2.616  -1.250  -5.759  1.00 20.67 ? 1238 PHE A CB  1 
ATOM   460 C  CG  . PHE A 1 74 ? -3.000  -2.610  -6.283  1.00 23.50 ? 1238 PHE A CG  1 
ATOM   461 C  CD1 . PHE A 1 74 ? -2.037  -3.398  -6.842  1.00 26.80 ? 1238 PHE A CD1 1 
ATOM   462 C  CD2 . PHE A 1 74 ? -4.307  -3.038  -6.213  1.00 25.49 ? 1238 PHE A CD2 1 
ATOM   463 C  CE1 . PHE A 1 74 ? -2.365  -4.661  -7.354  1.00 31.61 ? 1238 PHE A CE1 1 
ATOM   464 C  CE2 . PHE A 1 74 ? -4.656  -4.273  -6.738  1.00 27.81 ? 1238 PHE A CE2 1 
ATOM   465 C  CZ  . PHE A 1 74 ? -3.660  -5.077  -7.310  1.00 28.10 ? 1238 PHE A CZ  1 
ATOM   466 N  N   . THR A 1 75 ? -3.311  1.954   -6.206  1.00 19.65 ? 1239 THR A N   1 
ATOM   467 C  CA  . THR A 1 75 ? -3.480  3.070   -5.348  1.00 21.63 ? 1239 THR A CA  1 
ATOM   468 C  C   . THR A 1 75 ? -4.033  2.523   -4.031  1.00 17.57 ? 1239 THR A C   1 
ATOM   469 O  O   . THR A 1 75 ? -4.410  1.325   -3.964  1.00 18.84 ? 1239 THR A O   1 
ATOM   470 C  CB  . THR A 1 75 ? -4.513  4.023   -5.908  1.00 23.75 ? 1239 THR A CB  1 
ATOM   471 O  OG1 . THR A 1 75 ? -5.771  3.343   -6.075  1.00 25.00 ? 1239 THR A OG1 1 
ATOM   472 C  CG2 . THR A 1 75 ? -4.036  4.509   -7.269  1.00 31.95 ? 1239 THR A CG2 1 
ATOM   473 N  N   . THR A 1 76 ? -4.044  3.403   -3.043  1.00 18.24 ? 1240 THR A N   1 
ATOM   474 C  CA  . THR A 1 76 ? -4.623  3.029   -1.733  1.00 18.70 ? 1240 THR A CA  1 
ATOM   475 C  C   . THR A 1 76 ? -6.069  2.556   -1.893  1.00 18.44 ? 1240 THR A C   1 
ATOM   476 O  O   . THR A 1 76 ? -6.504  1.519   -1.372  1.00 18.49 ? 1240 THR A O   1 
ATOM   477 C  CB  . THR A 1 76 ? -4.491  4.168   -0.745  1.00 19.92 ? 1240 THR A CB  1 
ATOM   478 O  OG1 . THR A 1 76 ? -3.110  4.416   -0.596  1.00 22.18 ? 1240 THR A OG1 1 
ATOM   479 C  CG2 . THR A 1 76 ? -5.168  3.786   0.586   1.00 18.53 ? 1240 THR A CG2 1 
ATOM   480 N  N   . HIS A 1 77 ? -6.867  3.361   -2.556  1.00 19.40 ? 1241 HIS A N   1 
ATOM   481 C  CA  . HIS A 1 77 ? -8.248  3.030   -2.610  1.00 21.14 ? 1241 HIS A CA  1 
ATOM   482 C  C   . HIS A 1 77 ? -8.493  1.762   -3.350  1.00 20.59 ? 1241 HIS A C   1 
ATOM   483 O  O   . HIS A 1 77 ? -9.339  0.933   -2.922  1.00 20.69 ? 1241 HIS A O   1 
ATOM   484 C  CB  . HIS A 1 77 ? -9.050  4.171   -3.200  1.00 23.02 ? 1241 HIS A CB  1 
ATOM   485 C  CG  . HIS A 1 77 ? -9.098  5.332   -2.297  1.00 26.13 ? 1241 HIS A CG  1 
ATOM   486 N  ND1 . HIS A 1 77 ? -9.539  6.573   -2.676  1.00 33.30 ? 1241 HIS A ND1 1 
ATOM   487 C  CD2 . HIS A 1 77 ? -8.733  5.432   -0.993  1.00 28.82 ? 1241 HIS A CD2 1 
ATOM   488 C  CE1 . HIS A 1 77 ? -9.452  7.392   -1.647  1.00 34.70 ? 1241 HIS A CE1 1 
ATOM   489 N  NE2 . HIS A 1 77 ? -8.945  6.734   -0.623  1.00 39.08 ? 1241 HIS A NE2 1 
ATOM   490 N  N   . LEU A 1 78 ? -7.755  1.546   -4.433  1.00 21.35 ? 1242 LEU A N   1 
ATOM   491 C  CA  . LEU A 1 78 ? -7.838  0.258   -5.115  1.00 21.87 ? 1242 LEU A CA  1 
ATOM   492 C  C   . LEU A 1 78 ? -7.402  -0.914  -4.292  1.00 20.72 ? 1242 LEU A C   1 
ATOM   493 O  O   . LEU A 1 78 ? -8.058  -1.975  -4.276  1.00 22.05 ? 1242 LEU A O   1 
ATOM   494 C  CB  . LEU A 1 78 ? -6.956  0.339   -6.364  1.00 23.30 ? 1242 LEU A CB  1 
ATOM   495 C  CG  . LEU A 1 78 ? -7.294  -0.672  -7.397  1.00 27.92 ? 1242 LEU A CG  1 
ATOM   496 C  CD1 . LEU A 1 78 ? -8.768  -0.708  -7.798  1.00 29.22 ? 1242 LEU A CD1 1 
ATOM   497 C  CD2 . LEU A 1 78 ? -6.443  -0.309  -8.635  1.00 30.22 ? 1242 LEU A CD2 1 
ATOM   498 N  N   . ALA A 1 79 ? -6.294  -0.787  -3.556  1.00 16.05 ? 1243 ALA A N   1 
ATOM   499 C  CA  . ALA A 1 79 ? -5.805  -1.872  -2.688  1.00 15.69 ? 1243 ALA A CA  1 
ATOM   500 C  C   . ALA A 1 79 ? -6.882  -2.184  -1.628  1.00 16.63 ? 1243 ALA A C   1 
ATOM   501 O  O   . ALA A 1 79 ? -7.180  -3.373  -1.298  1.00 15.62 ? 1243 ALA A O   1 
ATOM   502 C  CB  . ALA A 1 79 ? -4.505  -1.564  -2.049  1.00 16.14 ? 1243 ALA A CB  1 
ATOM   503 N  N   . ASN A 1 80 ? -7.455  -1.102  -1.070  1.00 15.41 ? 1244 ASN A N   1 
ATOM   504 C  CA  . ASN A 1 80 ? -8.517  -1.282  -0.018  1.00 15.65 ? 1244 ASN A CA  1 
ATOM   505 C  C   . ASN A 1 80 ? -9.704  -2.027  -0.539  1.00 16.46 ? 1244 ASN A C   1 
ATOM   506 O  O   . ASN A 1 80 ? -10.233 -2.930  0.136   1.00 17.75 ? 1244 ASN A O   1 
ATOM   507 C  CB  . ASN A 1 80 ? -8.963  0.064   0.575   1.00 16.75 ? 1244 ASN A CB  1 
ATOM   508 C  CG  . ASN A 1 80 ? -7.953  0.628   1.581   1.00 15.15 ? 1244 ASN A CG  1 
ATOM   509 O  OD1 . ASN A 1 80 ? -6.939  0.009   1.933   1.00 15.34 ? 1244 ASN A OD1 1 
ATOM   510 N  ND2 . ASN A 1 80 ? -8.245  1.783   2.100   1.00 15.54 ? 1244 ASN A ND2 1 
ATOM   511 N  N   . THR A 1 81 ? -10.176 -1.592  -1.715  1.00 17.07 ? 1245 THR A N   1 
ATOM   512 C  CA  . THR A 1 81 ? -11.320 -2.256  -2.342  1.00 18.86 ? 1245 THR A CA  1 
ATOM   513 C  C   . THR A 1 81 ? -11.010 -3.695  -2.735  1.00 18.63 ? 1245 THR A C   1 
ATOM   514 O  O   . THR A 1 81 ? -11.818 -4.610  -2.477  1.00 22.66 ? 1245 THR A O   1 
ATOM   515 C  CB  . THR A 1 81 ? -11.705 -1.443  -3.608  1.00 22.27 ? 1245 THR A CB  1 
ATOM   516 O  OG1 . THR A 1 81 ? -12.142 -0.165  -3.109  1.00 28.15 ? 1245 THR A OG1 1 
ATOM   517 C  CG2 . THR A 1 81 ? -12.821 -2.187  -4.297  1.00 30.93 ? 1245 THR A CG2 1 
ATOM   518 N  N   . ALA A 1 82 ? -9.816  -3.994  -3.306  1.00 17.94 ? 1246 ALA A N   1 
ATOM   519 C  CA  . ALA A 1 82 ? -9.452  -5.302  -3.623  1.00 17.18 ? 1246 ALA A CA  1 
ATOM   520 C  C   . ALA A 1 82 ? -9.356  -6.228  -2.411  1.00 19.54 ? 1246 ALA A C   1 
ATOM   521 O  O   . ALA A 1 82 ? -9.839  -7.424  -2.460  1.00 20.63 ? 1246 ALA A O   1 
ATOM   522 C  CB  . ALA A 1 82 ? -8.131  -5.292  -4.445  1.00 21.81 ? 1246 ALA A CB  1 
ATOM   523 N  N   . ALA A 1 83 ? -8.750  -5.783  -1.296  1.00 19.09 ? 1247 ALA A N   1 
ATOM   524 C  CA  . ALA A 1 83 ? -8.605  -6.640  -0.145  1.00 17.67 ? 1247 ALA A CA  1 
ATOM   525 C  C   . ALA A 1 83 ? -9.994  -6.970  0.435   1.00 18.58 ? 1247 ALA A C   1 
ATOM   526 O  O   . ALA A 1 83 ? -10.208 -8.083  0.928   1.00 20.28 ? 1247 ALA A O   1 
ATOM   527 C  CB  . ALA A 1 83 ? -7.746  -5.926  0.903   1.00 17.09 ? 1247 ALA A CB  1 
ATOM   528 N  N   . GLU A 1 84 ? -10.917 -6.005  0.427   1.00 18.90 ? 1248 GLU A N   1 
ATOM   529 C  CA  . GLU A 1 84 ? -12.269 -6.232  0.969   1.00 21.21 ? 1248 GLU A CA  1 
ATOM   530 C  C   . GLU A 1 84 ? -12.912 -7.321  0.171   1.00 20.90 ? 1248 GLU A C   1 
ATOM   531 O  O   . GLU A 1 84 ? -13.462 -8.304  0.717   1.00 23.48 ? 1248 GLU A O   1 
ATOM   532 C  CB  . GLU A 1 84 ? -13.124 -4.938  0.969   1.00 25.35 ? 1248 GLU A CB  1 
ATOM   533 C  CG  . GLU A 1 84 ? -14.502 -5.239  1.572   1.00 30.24 ? 1248 GLU A CG  1 
ATOM   534 C  CD  . GLU A 1 84 ? -15.289 -4.039  2.094   1.00 34.29 ? 1248 GLU A CD  1 
ATOM   535 O  OE1 . GLU A 1 84 ? -15.509 -3.172  1.220   1.00 30.92 ? 1248 GLU A OE1 1 
ATOM   536 O  OE2 . GLU A 1 84 ? -15.676 -3.988  3.336   1.00 33.60 ? 1248 GLU A OE2 1 
ATOM   537 N  N   . ALA A 1 85 ? -12.792 -7.233  -1.154  1.00 19.85 ? 1249 ALA A N   1 
ATOM   538 C  CA  . ALA A 1 85 ? -13.326 -8.299  -2.067  1.00 22.64 ? 1249 ALA A CA  1 
ATOM   539 C  C   . ALA A 1 85 ? -12.713 -9.639  -1.801  1.00 23.72 ? 1249 ALA A C   1 
ATOM   540 O  O   . ALA A 1 85 ? -13.439 -10.632 -1.740  1.00 24.48 ? 1249 ALA A O   1 
ATOM   541 C  CB  . ALA A 1 85 ? -13.033 -7.907  -3.502  1.00 24.63 ? 1249 ALA A CB  1 
ATOM   542 N  N   . VAL A 1 86 ? -11.381 -9.718  -1.624  1.00 22.15 ? 1250 VAL A N   1 
ATOM   543 C  CA  . VAL A 1 86 ? -10.655 -10.984 -1.266  1.00 24.42 ? 1250 VAL A CA  1 
ATOM   544 C  C   . VAL A 1 86 ? -11.184 -11.582 0.012   1.00 27.99 ? 1250 VAL A C   1 
ATOM   545 O  O   . VAL A 1 86 ? -11.550 -12.750 0.094   1.00 26.08 ? 1250 VAL A O   1 
ATOM   546 C  CB  . VAL A 1 86 ? -9.140  -10.829 -1.222  1.00 25.36 ? 1250 VAL A CB  1 
ATOM   547 C  CG1 . VAL A 1 86 ? -8.501  -12.128 -0.762  1.00 27.34 ? 1250 VAL A CG1 1 
ATOM   548 C  CG2 . VAL A 1 86 ? -8.595  -10.505 -2.619  1.00 24.92 ? 1250 VAL A CG2 1 
ATOM   549 N  N   . LEU A 1 87 ? -11.347 -10.732 0.997   1.00 24.22 ? 1251 LEU A N   1 
ATOM   550 C  CA  . LEU A 1 87 ? -11.748 -11.256 2.314   1.00 25.40 ? 1251 LEU A CA  1 
ATOM   551 C  C   . LEU A 1 87 ? -13.228 -11.632 2.393   1.00 24.38 ? 1251 LEU A C   1 
ATOM   552 O  O   . LEU A 1 87 ? -13.593 -12.399 3.313   1.00 25.93 ? 1251 LEU A O   1 
ATOM   553 C  CB  . LEU A 1 87 ? -11.369 -10.271 3.362   1.00 26.79 ? 1251 LEU A CB  1 
ATOM   554 C  CG  . LEU A 1 87 ? -9.828  -10.234 3.470   1.00 30.92 ? 1251 LEU A CG  1 
ATOM   555 C  CD1 . LEU A 1 87 ? -9.602  -9.105  4.441   1.00 32.65 ? 1251 LEU A CD1 1 
ATOM   556 C  CD2 . LEU A 1 87 ? -9.099  -11.515 3.940   1.00 33.16 ? 1251 LEU A CD2 1 
ATOM   557 N  N   . GLN A 1 88 ? -14.049 -11.052 1.545   1.00 23.46 ? 1252 GLN A N   1 
ATOM   558 C  CA  . GLN A 1 88 ? -15.441 -11.417 1.454   1.00 28.67 ? 1252 GLN A CA  1 
ATOM   559 C  C   . GLN A 1 88 ? -15.579 -12.673 0.588   1.00 30.90 ? 1252 GLN A C   1 
ATOM   560 O  O   . GLN A 1 88 ? -16.693 -13.206 0.426   1.00 35.30 ? 1252 GLN A O   1 
ATOM   561 C  CB  . GLN A 1 88 ? -16.250 -10.276 0.862   1.00 28.09 ? 1252 GLN A CB  1 
ATOM   562 C  CG  . GLN A 1 88 ? -16.438 -9.081  1.797   1.00 33.37 ? 1252 GLN A CG  1 
ATOM   563 C  CD  . GLN A 1 88 ? -17.114 -7.940  1.072   1.00 45.46 ? 1252 GLN A CD  1 
ATOM   564 O  OE1 . GLN A 1 88 ? -17.185 -7.956  -0.162  1.00 51.85 ? 1252 GLN A OE1 1 
ATOM   565 N  NE2 . GLN A 1 88 ? -17.617 -6.943  1.811   1.00 55.69 ? 1252 GLN A NE2 1 
ATOM   566 N  N   . GLY A 1 89 ? -14.493 -13.158 0.015   1.00 29.01 ? 1253 GLY A N   1 
ATOM   567 C  CA  . GLY A 1 89 ? -14.522 -14.374 -0.808  1.00 29.16 ? 1253 GLY A CA  1 
ATOM   568 C  C   . GLY A 1 89 ? -15.009 -14.103 -2.226  1.00 29.37 ? 1253 GLY A C   1 
ATOM   569 O  O   . GLY A 1 89 ? -15.393 -15.037 -2.935  1.00 34.70 ? 1253 GLY A O   1 
ATOM   570 N  N   . ARG A 1 90 ? -14.991 -12.856 -2.645  1.00 28.52 ? 1254 ARG A N   1 
ATOM   571 C  CA  . ARG A 1 90 ? -15.459 -12.436 -3.965  1.00 31.98 ? 1254 ARG A CA  1 
ATOM   572 C  C   . ARG A 1 90 ? -14.346 -12.346 -5.034  1.00 36.96 ? 1254 ARG A C   1 
ATOM   573 O  O   . ARG A 1 90 ? -14.636 -12.253 -6.227  1.00 36.28 ? 1254 ARG A O   1 
ATOM   574 C  CB  . ARG A 1 90 ? -16.186 -11.112 -3.878  1.00 35.30 ? 1254 ARG A CB  1 
ATOM   575 C  CG  . ARG A 1 90 ? -17.329 -11.125 -2.922  1.00 38.08 ? 1254 ARG A CG  1 
ATOM   576 C  CD  . ARG A 1 90 ? -18.269 -9.934  -3.063  1.00 41.88 ? 1254 ARG A CD  1 
ATOM   577 N  NE  . ARG A 1 90 ? -17.672 -8.708  -2.517  1.00 48.89 ? 1254 ARG A NE  1 
ATOM   578 C  CZ  . ARG A 1 90 ? -16.969 -7.778  -3.201  1.00 49.75 ? 1254 ARG A CZ  1 
ATOM   579 N  NH1 . ARG A 1 90 ? -16.784 -7.875  -4.536  1.00 52.18 ? 1254 ARG A NH1 1 
ATOM   580 N  NH2 . ARG A 1 90 ? -16.490 -6.688  -2.525  1.00 43.20 ? 1254 ARG A NH2 1 
ATOM   581 N  N   . ALA A 1 91 ? -13.094 -12.421 -4.643  1.00 29.62 ? 1255 ALA A N   1 
ATOM   582 C  CA  . ALA A 1 91 ? -11.996 -12.416 -5.568  1.00 32.37 ? 1255 ALA A CA  1 
ATOM   583 C  C   . ALA A 1 91 ? -10.963 -13.390 -5.120  1.00 33.45 ? 1255 ALA A C   1 
ATOM   584 O  O   . ALA A 1 91 ? -10.705 -13.553 -3.922  1.00 32.49 ? 1255 ALA A O   1 
ATOM   585 C  CB  . ALA A 1 91 ? -11.372 -11.019 -5.612  1.00 34.23 ? 1255 ALA A CB  1 
ATOM   586 N  N   . ASP A 1 92 ? -10.277 -13.951 -6.087  1.00 32.43 ? 1256 ASP A N   1 
ATOM   587 C  CA  . ASP A 1 92 ? -9.176  -14.871 -5.827  1.00 35.30 ? 1256 ASP A CA  1 
ATOM   588 C  C   . ASP A 1 92 ? -7.847  -14.242 -5.367  1.00 33.73 ? 1256 ASP A C   1 
ATOM   589 O  O   . ASP A 1 92 ? -7.072  -14.918 -4.686  1.00 31.86 ? 1256 ASP A O   1 
ATOM   590 C  CB  . ASP A 1 92 ? -8.938  -15.707 -7.079  1.00 47.05 ? 1256 ASP A CB  1 
ATOM   591 C  CG  . ASP A 1 92 ? -10.018 -16.778 -7.260  1.00 62.13 ? 1256 ASP A CG  1 
ATOM   592 O  OD1 . ASP A 1 92 ? -11.193 -16.548 -6.831  1.00 61.07 ? 1256 ASP A OD1 1 
ATOM   593 O  OD2 . ASP A 1 92 ? -9.679  -17.861 -7.798  1.00 71.68 ? 1256 ASP A OD2 1 
ATOM   594 N  N   . SER A 1 93 ? -7.518  -13.004 -5.763  1.00 29.87 ? 1257 SER A N   1 
ATOM   595 C  CA  . SER A 1 93 ? -6.412  -12.266 -5.130  1.00 27.55 ? 1257 SER A CA  1 
ATOM   596 C  C   . SER A 1 93 ? -6.636  -10.859 -5.443  1.00 24.18 ? 1257 SER A C   1 
ATOM   597 O  O   . SER A 1 93 ? -7.504  -10.509 -6.219  1.00 25.45 ? 1257 SER A O   1 
ATOM   598 C  CB  . SER A 1 93 ? -5.027  -12.712 -5.608  1.00 37.97 ? 1257 SER A CB  1 
ATOM   599 O  OG  . SER A 1 93 ? -4.788  -12.312 -6.947  1.00 41.10 ? 1257 SER A OG  1 
ATOM   600 N  N   . ILE A 1 94 ? -5.820  -10.025 -4.863  1.00 23.96 ? 1258 ILE A N   1 
ATOM   601 C  CA  . ILE A 1 94 ? -6.018  -8.648  -5.127  1.00 24.26 ? 1258 ILE A CA  1 
ATOM   602 C  C   . ILE A 1 94 ? -5.579  -8.305  -6.565  1.00 24.88 ? 1258 ILE A C   1 
ATOM   603 O  O   . ILE A 1 94 ? -6.076  -7.340  -7.104  1.00 25.37 ? 1258 ILE A O   1 
ATOM   604 C  CB  . ILE A 1 94 ? -5.229  -7.768  -4.180  1.00 26.36 ? 1258 ILE A CB  1 
ATOM   605 C  CG1 . ILE A 1 94 ? -3.739  -8.121  -4.230  1.00 28.41 ? 1258 ILE A CG1 1 
ATOM   606 C  CG2 . ILE A 1 94 ? -5.860  -7.809  -2.772  1.00 29.22 ? 1258 ILE A CG2 1 
ATOM   607 C  CD1 . ILE A 1 94 ? -2.818  -7.005  -3.740  1.00 37.02 ? 1258 ILE A CD1 1 
ATOM   608 N  N   . LEU A 1 95 ? -4.735  -9.167  -7.147  1.00 30.64 ? 1259 LEU A N   1 
ATOM   609 C  CA  . LEU A 1 95 ? -4.190  -8.908  -8.530  1.00 30.48 ? 1259 LEU A CA  1 
ATOM   610 C  C   . LEU A 1 95 ? -5.286  -8.789  -9.530  1.00 32.87 ? 1259 LEU A C   1 
ATOM   611 O  O   . LEU A 1 95 ? -5.108  -8.095  -10.559 1.00 40.11 ? 1259 LEU A O   1 
ATOM   612 C  CB  . LEU A 1 95 ? -3.162  -9.949  -8.981  1.00 34.15 ? 1259 LEU A CB  1 
ATOM   613 C  CG  . LEU A 1 95 ? -1.884  -10.037 -8.143  1.00 39.78 ? 1259 LEU A CG  1 
ATOM   614 C  CD1 . LEU A 1 95 ? -0.852  -10.980 -8.774  1.00 39.67 ? 1259 LEU A CD1 1 
ATOM   615 C  CD2 . LEU A 1 95 ? -1.281  -8.634  -7.904  1.00 39.85 ? 1259 LEU A CD2 1 
ATOM   616 N  N   . ALA A 1 96 ? -6.451  -9.384  -9.232  1.00 32.15 ? 1260 ALA A N   1 
ATOM   617 C  CA  . ALA A 1 96 ? -7.599  -9.315  -10.088 1.00 38.63 ? 1260 ALA A CA  1 
ATOM   618 C  C   . ALA A 1 96 ? -8.134  -7.897  -10.236 1.00 44.29 ? 1260 ALA A C   1 
ATOM   619 O  O   . ALA A 1 96 ? -8.918  -7.611  -11.168 1.00 40.77 ? 1260 ALA A O   1 
ATOM   620 C  CB  . ALA A 1 96 ? -8.714  -10.197 -9.562  1.00 37.92 ? 1260 ALA A CB  1 
ATOM   621 N  N   . TYR A 1 97 ? -7.764  -6.997  -9.307  1.00 34.76 ? 1261 TYR A N   1 
ATOM   622 C  CA  . TYR A 1 97 ? -8.401  -5.734  -9.306  1.00 32.92 ? 1261 TYR A CA  1 
ATOM   623 C  C   . TYR A 1 97 ? -7.580  -4.681  -10.064 1.00 36.30 ? 1261 TYR A C   1 
ATOM   624 O  O   . TYR A 1 97 ? -8.074  -3.565  -10.225 1.00 33.97 ? 1261 TYR A O   1 
ATOM   625 C  CB  . TYR A 1 97 ? -8.721  -5.302  -7.855  1.00 36.35 ? 1261 TYR A CB  1 
ATOM   626 C  CG  . TYR A 1 97 ? -10.147 -5.621  -7.450  1.00 37.27 ? 1261 TYR A CG  1 
ATOM   627 C  CD1 . TYR A 1 97 ? -10.552 -6.939  -7.145  1.00 44.43 ? 1261 TYR A CD1 1 
ATOM   628 C  CD2 . TYR A 1 97 ? -11.083 -4.593  -7.346  1.00 47.93 ? 1261 TYR A CD2 1 
ATOM   629 C  CE1 . TYR A 1 97 ? -11.876 -7.217  -6.777  1.00 44.65 ? 1261 TYR A CE1 1 
ATOM   630 C  CE2 . TYR A 1 97 ? -12.394 -4.847  -6.976  1.00 53.29 ? 1261 TYR A CE2 1 
ATOM   631 C  CZ  . TYR A 1 97 ? -12.798 -6.153  -6.691  1.00 47.25 ? 1261 TYR A CZ  1 
ATOM   632 O  OH  . TYR A 1 97 ? -14.149 -6.311  -6.302  1.00 49.68 ? 1261 TYR A OH  1 
ATOM   633 N  N   . HIS A 1 98 ? -6.404  -5.058  -10.600 1.00 33.13 ? 1262 HIS A N   1 
ATOM   634 C  CA  . HIS A 1 98 ? -5.460  -4.112  -11.137 1.00 35.57 ? 1262 HIS A CA  1 
ATOM   635 C  C   . HIS A 1 98 ? -6.161  -3.236  -12.229 1.00 32.41 ? 1262 HIS A C   1 
ATOM   636 O  O   . HIS A 1 98 ? -5.677  -2.167  -12.574 1.00 43.60 ? 1262 HIS A O   1 
ATOM   637 C  CB  . HIS A 1 98 ? -4.244  -4.863  -11.694 1.00 36.62 ? 1262 HIS A CB  1 
ATOM   638 C  CG  . HIS A 1 98 ? -4.528  -5.478  -13.034 1.00 34.63 ? 1262 HIS A CG  1 
ATOM   639 N  ND1 . HIS A 1 98 ? -4.924  -6.792  -13.191 1.00 32.30 ? 1262 HIS A ND1 1 
ATOM   640 C  CD2 . HIS A 1 98 ? -4.529  -4.927  -14.273 1.00 31.61 ? 1262 HIS A CD2 1 
ATOM   641 C  CE1 . HIS A 1 98 ? -5.123  -7.033  -14.477 1.00 31.69 ? 1262 HIS A CE1 1 
ATOM   642 N  NE2 . HIS A 1 98 ? -4.954  -5.897  -15.142 1.00 34.22 ? 1262 HIS A NE2 1 
HETATM 643 ZN ZN  . ZN  B 2 .  ? 3.197   9.748   7.976   1.00 17.75 ? 1383 ZN  A ZN  1 
HETATM 644 ZN ZN  . ZN  C 2 .  ? 4.617   8.403   -5.209  1.00 24.69 ? 1384 ZN  A ZN  1 
HETATM 645 C  C01 . 94W D 3 .  ? 0.053   12.989  0.414   0.70 29.50 ? 1385 94W A C01 1 
HETATM 646 O  O02 . 94W D 3 .  ? 0.299   14.259  0.865   0.70 36.37 ? 1385 94W A O02 1 
HETATM 647 C  C03 . 94W D 3 .  ? 0.340   14.463  2.274   0.70 33.02 ? 1385 94W A C03 1 
HETATM 648 C  C04 . 94W D 3 .  ? -0.936  12.232  1.025   0.70 27.88 ? 1385 94W A C04 1 
HETATM 649 C  C05 . 94W D 3 .  ? -1.163  10.951  0.546   0.70 33.23 ? 1385 94W A C05 1 
HETATM 650 C  C06 . 94W D 3 .  ? -0.426  10.423  -0.517  0.70 30.54 ? 1385 94W A C06 1 
HETATM 651 C  C07 . 94W D 3 .  ? 0.562   11.205  -1.113  0.70 27.42 ? 1385 94W A C07 1 
HETATM 652 C  C08 . 94W D 3 .  ? 0.797   12.487  -0.644  0.70 30.22 ? 1385 94W A C08 1 
HETATM 653 N  N09 . 94W D 3 .  ? -0.767  9.122   -0.888  0.70 26.31 ? 1385 94W A N09 1 
HETATM 654 C  C10 . 94W D 3 .  ? -1.733  8.667   -0.131  0.70 31.62 ? 1385 94W A C10 1 
HETATM 655 N  N11 . 94W D 3 .  ? -2.271  7.448   -0.250  0.70 27.38 ? 1385 94W A N11 1 
HETATM 656 S  S12 . 94W D 3 .  ? -2.322  9.776   1.101   0.70 33.57 ? 1385 94W A S12 1 
HETATM 657 O  O   . HOH E 4 .  ? 10.276  1.363   6.389   1.00 38.98 ? 2001 HOH A O   1 
HETATM 658 O  O   . HOH E 4 .  ? 4.135   -2.623  -1.388  1.00 44.79 ? 2002 HOH A O   1 
HETATM 659 O  O   . HOH E 4 .  ? 13.685  7.197   15.682  1.00 39.80 ? 2003 HOH A O   1 
HETATM 660 O  O   . HOH E 4 .  ? 12.897  5.058   7.497   1.00 26.09 ? 2004 HOH A O   1 
HETATM 661 O  O   . HOH E 4 .  ? 15.164  3.501   8.456   1.00 41.08 ? 2005 HOH A O   1 
HETATM 662 O  O   . HOH E 4 .  ? 16.267  10.963  4.497   1.00 24.34 ? 2006 HOH A O   1 
HETATM 663 O  O   . HOH E 4 .  ? 13.949  2.815   -0.006  1.00 38.10 ? 2007 HOH A O   1 
HETATM 664 O  O   . HOH E 4 .  ? 10.632  8.544   2.125   1.00 22.14 ? 2008 HOH A O   1 
HETATM 665 O  O   . HOH E 4 .  ? 9.194   11.925  1.819   1.00 29.86 ? 2009 HOH A O   1 
HETATM 666 O  O   . HOH E 4 .  ? 5.034   13.137  -1.107  1.00 36.31 ? 2010 HOH A O   1 
HETATM 667 O  O   . HOH E 4 .  ? 4.133   15.445  10.883  1.00 41.98 ? 2011 HOH A O   1 
HETATM 668 O  O   . HOH E 4 .  ? 3.045   11.413  11.851  1.00 41.69 ? 2012 HOH A O   1 
HETATM 669 O  O   . HOH E 4 .  ? 7.101   9.400   13.206  1.00 34.48 ? 2013 HOH A O   1 
HETATM 670 O  O   . HOH E 4 .  ? 8.944   0.534   8.942   1.00 36.56 ? 2014 HOH A O   1 
HETATM 671 O  O   . HOH E 4 .  ? 8.023   4.683   16.241  1.00 50.31 ? 2015 HOH A O   1 
HETATM 672 O  O   . HOH E 4 .  ? 1.457   3.435   9.975   1.00 21.59 ? 2016 HOH A O   1 
HETATM 673 O  O   . HOH E 4 .  ? -0.062  0.469   12.203  1.00 51.83 ? 2017 HOH A O   1 
HETATM 674 O  O   . HOH E 4 .  ? 6.271   -2.153  2.874   1.00 36.59 ? 2018 HOH A O   1 
HETATM 675 O  O   . HOH E 4 .  ? 6.334   -1.327  0.306   1.00 28.66 ? 2019 HOH A O   1 
HETATM 676 O  O   . HOH E 4 .  ? 5.073   -0.861  -3.384  1.00 25.20 ? 2020 HOH A O   1 
HETATM 677 O  O   . HOH E 4 .  ? 4.785   11.408  -3.263  1.00 37.03 ? 2021 HOH A O   1 
HETATM 678 O  O   . HOH E 4 .  ? 11.556  3.244   5.448   1.00 41.25 ? 2022 HOH A O   1 
HETATM 679 O  O   . HOH E 4 .  ? -4.494  4.025   7.029   1.00 31.63 ? 2023 HOH A O   1 
HETATM 680 O  O   . HOH E 4 .  ? -9.439  -3.271  2.840   1.00 16.92 ? 2024 HOH A O   1 
HETATM 681 O  O   . HOH E 4 .  ? -1.536  -5.916  8.290   1.00 30.23 ? 2025 HOH A O   1 
HETATM 682 O  O   . HOH E 4 .  ? -2.142  -5.704  11.195  1.00 46.35 ? 2026 HOH A O   1 
HETATM 683 O  O   . HOH E 4 .  ? -1.798  -10.892 -1.639  1.00 28.38 ? 2027 HOH A O   1 
HETATM 684 O  O   . HOH E 4 .  ? 3.802   -5.651  -3.029  1.00 38.51 ? 2028 HOH A O   1 
HETATM 685 O  O   . HOH E 4 .  ? -1.279  -12.763 0.410   1.00 35.49 ? 2029 HOH A O   1 
HETATM 686 O  O   . HOH E 4 .  ? -2.666  5.906   -3.345  1.00 25.10 ? 2030 HOH A O   1 
HETATM 687 O  O   . HOH E 4 .  ? -6.101  6.046   -3.353  1.00 29.83 ? 2031 HOH A O   1 
HETATM 688 O  O   . HOH E 4 .  ? -14.683 -4.511  -2.571  1.00 30.83 ? 2032 HOH A O   1 
HETATM 689 O  O   . HOH E 4 .  ? -13.371 -5.798  4.305   1.00 34.31 ? 2033 HOH A O   1 
HETATM 690 O  O   . HOH E 4 .  ? -5.305  -13.669 -1.842  1.00 33.77 ? 2034 HOH A O   1 
HETATM 691 O  O   . HOH E 4 .  ? -3.946  -13.973 -9.177  1.00 47.23 ? 2035 HOH A O   1 
HETATM 692 O  O   . HOH E 4 .  ? -4.578  -11.198 -2.686  1.00 33.68 ? 2036 HOH A O   1 
# 
